data_1S1K
# 
_entry.id   1S1K 
# 
_audit_conform.dict_name       mmcif_pdbx.dic 
_audit_conform.dict_version    5.376 
_audit_conform.dict_location   http://mmcif.pdb.org/dictionaries/ascii/mmcif_pdbx.dic 
# 
loop_
_database_2.database_id 
_database_2.database_code 
_database_2.pdbx_database_accession 
_database_2.pdbx_DOI 
PDB   1S1K         pdb_00001s1k 10.2210/pdb1s1k/pdb 
NDB   BD0068       ?            ?                   
RCSB  RCSB021250   ?            ?                   
WWPDB D_1000021250 ?            ?                   
# 
_pdbx_database_related.db_name        PDB 
_pdbx_database_related.db_id          1P4Z 
_pdbx_database_related.details        'Unmodified ACT strand' 
_pdbx_database_related.content_type   unspecified 
# 
_pdbx_database_status.status_code                     REL 
_pdbx_database_status.entry_id                        1S1K 
_pdbx_database_status.recvd_initial_deposition_date   2004-01-06 
_pdbx_database_status.deposit_site                    RCSB 
_pdbx_database_status.process_site                    RCSB 
_pdbx_database_status.status_code_sf                  REL 
_pdbx_database_status.SG_entry                        . 
_pdbx_database_status.pdb_format_compatible           Y 
_pdbx_database_status.status_code_mr                  ? 
_pdbx_database_status.status_code_cs                  ? 
_pdbx_database_status.status_code_nmr_data            ? 
_pdbx_database_status.methods_development_category    ? 
# 
loop_
_audit_author.name 
_audit_author.pdbx_ordinal 
'Hays, F.A.' 1 
'Watson, J.' 2 
'Ho, P.S.'   3 
# 
_citation.id                        primary 
_citation.title                     'Influence of minor groove substituents on the structure of DNA holliday junctions.' 
_citation.journal_abbrev            Biochemistry 
_citation.journal_volume            43 
_citation.page_first                9813 
_citation.page_last                 9822 
_citation.year                      2004 
_citation.journal_id_ASTM           BICHAW 
_citation.country                   US 
_citation.journal_id_ISSN           0006-2960 
_citation.journal_id_CSD            0033 
_citation.book_publisher            ? 
_citation.pdbx_database_id_PubMed   15274635 
_citation.pdbx_database_id_DOI      10.1021/bi049461d 
# 
loop_
_citation_author.citation_id 
_citation_author.name 
_citation_author.ordinal 
_citation_author.identifier_ORCID 
primary 'Hays, F.A.'  1 ? 
primary 'Jones, Z.J.' 2 ? 
primary 'Ho, P.S.'    3 ? 
# 
_cell.entry_id           1S1K 
_cell.length_a           32.957 
_cell.length_b           32.957 
_cell.length_c           88.556 
_cell.angle_alpha        90.00 
_cell.angle_beta         90.00 
_cell.angle_gamma        120.00 
_cell.Z_PDB              12 
_cell.pdbx_unique_axis   ? 
# 
_symmetry.entry_id                         1S1K 
_symmetry.space_group_name_H-M             'P 61 2 2' 
_symmetry.pdbx_full_space_group_name_H-M   ? 
_symmetry.cell_setting                     ? 
_symmetry.Int_Tables_number                178 
_symmetry.space_group_name_Hall            ? 
# 
loop_
_entity.id 
_entity.type 
_entity.src_method 
_entity.pdbx_description 
_entity.formula_weight 
_entity.pdbx_number_of_molecules 
_entity.pdbx_ec 
_entity.pdbx_mutation 
_entity.pdbx_fragment 
_entity.details 
1 polymer     syn "5'-D(*CP*CP*(1AP)P*GP*TP*AP*CP*TP*GP*G)-3'" 3060.019 1  ? ? ? ? 
2 non-polymer syn 'CALCIUM ION'                                40.078   2  ? ? ? ? 
3 non-polymer syn 'SODIUM ION'                                 22.990   1  ? ? ? ? 
4 water       nat water                                        18.015   40 ? ? ? ? 
# 
_entity_poly.entity_id                      1 
_entity_poly.type                           polydeoxyribonucleotide 
_entity_poly.nstd_linkage                   no 
_entity_poly.nstd_monomer                   yes 
_entity_poly.pdbx_seq_one_letter_code       '(DC)(DC)(1AP)(DG)(DT)(DA)(DC)(DT)(DG)(DG)' 
_entity_poly.pdbx_seq_one_letter_code_can   CCAGTACTGG 
_entity_poly.pdbx_strand_id                 A 
_entity_poly.pdbx_target_identifier         ? 
# 
loop_
_entity_poly_seq.entity_id 
_entity_poly_seq.num 
_entity_poly_seq.mon_id 
_entity_poly_seq.hetero 
1 1  DC  n 
1 2  DC  n 
1 3  1AP n 
1 4  DG  n 
1 5  DT  n 
1 6  DA  n 
1 7  DC  n 
1 8  DT  n 
1 9  DG  n 
1 10 DG  n 
# 
_struct_ref.id                         1 
_struct_ref.entity_id                  1 
_struct_ref.db_name                    PDB 
_struct_ref.db_code                    1S1K 
_struct_ref.pdbx_db_accession          1S1K 
_struct_ref.pdbx_db_isoform            ? 
_struct_ref.pdbx_seq_one_letter_code   ? 
_struct_ref.pdbx_align_begin           ? 
# 
_struct_ref_seq.align_id                      1 
_struct_ref_seq.ref_id                        1 
_struct_ref_seq.pdbx_PDB_id_code              1S1K 
_struct_ref_seq.pdbx_strand_id                A 
_struct_ref_seq.seq_align_beg                 1 
_struct_ref_seq.pdbx_seq_align_beg_ins_code   ? 
_struct_ref_seq.seq_align_end                 10 
_struct_ref_seq.pdbx_seq_align_end_ins_code   ? 
_struct_ref_seq.pdbx_db_accession             1S1K 
_struct_ref_seq.db_align_beg                  1 
_struct_ref_seq.pdbx_db_align_beg_ins_code    ? 
_struct_ref_seq.db_align_end                  10 
_struct_ref_seq.pdbx_db_align_end_ins_code    ? 
_struct_ref_seq.pdbx_auth_seq_align_beg       1 
_struct_ref_seq.pdbx_auth_seq_align_end       10 
# 
loop_
_chem_comp.id 
_chem_comp.type 
_chem_comp.mon_nstd_flag 
_chem_comp.name 
_chem_comp.pdbx_synonyms 
_chem_comp.formula 
_chem_comp.formula_weight 
1AP 'DNA linking' n '2,6-DIAMINOPURINE NUCLEOTIDE'       ? 'C10 H15 N6 O6 P' 346.236 
CA  non-polymer   . 'CALCIUM ION'                        ? 'Ca 2'            40.078  
DA  'DNA linking' y "2'-DEOXYADENOSINE-5'-MONOPHOSPHATE" ? 'C10 H14 N5 O6 P' 331.222 
DC  'DNA linking' y "2'-DEOXYCYTIDINE-5'-MONOPHOSPHATE"  ? 'C9 H14 N3 O7 P'  307.197 
DG  'DNA linking' y "2'-DEOXYGUANOSINE-5'-MONOPHOSPHATE" ? 'C10 H14 N5 O7 P' 347.221 
DT  'DNA linking' y "THYMIDINE-5'-MONOPHOSPHATE"         ? 'C10 H15 N2 O8 P' 322.208 
HOH non-polymer   . WATER                                ? 'H2 O'            18.015  
NA  non-polymer   . 'SODIUM ION'                         ? 'Na 1'            22.990  
# 
_exptl.entry_id          1S1K 
_exptl.method            'X-RAY DIFFRACTION' 
_exptl.crystals_number   1 
# 
_exptl_crystal.id                    1 
_exptl_crystal.density_meas          ? 
_exptl_crystal.density_percent_sol   38.5 
_exptl_crystal.description           ? 
_exptl_crystal.density_Matthews      2.02 
_exptl_crystal.F_000                 ? 
_exptl_crystal.preparation           ? 
# 
_exptl_crystal_grow.crystal_id      1 
_exptl_crystal_grow.method          'VAPOR DIFFUSION, SITTING DROP' 
_exptl_crystal_grow.temp            ? 
_exptl_crystal_grow.temp_details    ? 
_exptl_crystal_grow.pH              7.50 
_exptl_crystal_grow.pdbx_details    
'5mM TRIS(HCl), 23mM CaAcetate, 16% MPD, .6mM DNA against 28% MPD at RT, pH 7.50, VAPOR DIFFUSION, SITTING DROP' 
_exptl_crystal_grow.pdbx_pH_range   . 
# 
loop_
_exptl_crystal_grow_comp.crystal_id 
_exptl_crystal_grow_comp.id 
_exptl_crystal_grow_comp.sol_id 
_exptl_crystal_grow_comp.name 
_exptl_crystal_grow_comp.volume 
_exptl_crystal_grow_comp.conc 
_exptl_crystal_grow_comp.details 
1 1 1 'TRIS(HCl)' ? ? ? 
1 2 1 CaAcetate   ? ? ? 
1 3 1 '16% MPD'   ? ? ? 
1 4 1 DNA         ? ? ? 
1 5 ? water       ? ? ? 
1 6 ? '28% MPD'   ? ? ? 
1 7 ? 'TRIS(HCl)' ? ? ? 
# 
_diffrn.id                     1 
_diffrn.ambient_temp           103.0 
_diffrn.ambient_temp_details   ? 
_diffrn.crystal_id             1 
# 
_diffrn_detector.diffrn_id              1 
_diffrn_detector.detector               CCD 
_diffrn_detector.type                   'ADSC QUANTUM 4' 
_diffrn_detector.pdbx_collection_date   2002-01-08 
_diffrn_detector.details                'BENT CONICAL SI-MIRROR (RH COATING)' 
# 
_diffrn_radiation.diffrn_id                        1 
_diffrn_radiation.wavelength_id                    1 
_diffrn_radiation.pdbx_monochromatic_or_laue_m_l   M 
_diffrn_radiation.monochromator                    'BENT GE(111) MONOCHROMATOR' 
_diffrn_radiation.pdbx_diffrn_protocol             'SINGLE WAVELENGTH' 
_diffrn_radiation.pdbx_scattering_type             x-ray 
# 
_diffrn_radiation_wavelength.id           1 
_diffrn_radiation_wavelength.wavelength   0.9 
_diffrn_radiation_wavelength.wt           1.0 
# 
_diffrn_source.diffrn_id                   1 
_diffrn_source.source                      SYNCHROTRON 
_diffrn_source.type                        'APS BEAMLINE 14-BM-C' 
_diffrn_source.pdbx_synchrotron_site       APS 
_diffrn_source.pdbx_synchrotron_beamline   14-BM-C 
_diffrn_source.pdbx_wavelength             ? 
_diffrn_source.pdbx_wavelength_list        0.9 
# 
_reflns.entry_id                     1S1K 
_reflns.observed_criterion_sigma_I   0.000 
_reflns.observed_criterion_sigma_F   ? 
_reflns.d_resolution_low             17.50 
_reflns.d_resolution_high            1.850 
_reflns.number_obs                   2528 
_reflns.number_all                   2528 
_reflns.percent_possible_obs         96.3 
_reflns.pdbx_Rmerge_I_obs            0.056 
_reflns.pdbx_Rsym_value              ? 
_reflns.pdbx_netI_over_sigmaI        ? 
_reflns.B_iso_Wilson_estimate        8.80 
_reflns.pdbx_redundancy              ? 
_reflns.R_free_details               ? 
_reflns.pdbx_chi_squared             ? 
_reflns.pdbx_scaling_rejects         ? 
_reflns.pdbx_diffrn_id               1 
_reflns.pdbx_ordinal                 1 
# 
_reflns_shell.d_res_high             1.85 
_reflns_shell.d_res_low              1.92 
_reflns_shell.percent_possible_all   72.2 
_reflns_shell.Rmerge_I_obs           0.245 
_reflns_shell.pdbx_Rsym_value        ? 
_reflns_shell.meanI_over_sigI_obs    4.980 
_reflns_shell.pdbx_redundancy        ? 
_reflns_shell.percent_possible_obs   ? 
_reflns_shell.number_unique_all      ? 
_reflns_shell.number_measured_all    ? 
_reflns_shell.number_measured_obs    ? 
_reflns_shell.number_unique_obs      ? 
_reflns_shell.pdbx_chi_squared       ? 
_reflns_shell.pdbx_diffrn_id         ? 
_reflns_shell.pdbx_ordinal           1 
# 
_refine.entry_id                                 1S1K 
_refine.ls_number_reflns_obs                     2413 
_refine.ls_number_reflns_all                     2528 
_refine.pdbx_ls_sigma_I                          0 
_refine.pdbx_ls_sigma_F                          0.000 
_refine.pdbx_data_cutoff_high_absF               29235.77 
_refine.pdbx_data_cutoff_low_absF                0.0 
_refine.pdbx_data_cutoff_high_rms_absF           29235.77 
_refine.ls_d_res_low                             17.49 
_refine.ls_d_res_high                            1.90 
_refine.ls_percent_reflns_obs                    93.9 
_refine.ls_R_factor_obs                          0.232 
_refine.ls_R_factor_all                          0.253 
_refine.ls_R_factor_R_work                       0.232 
_refine.ls_R_factor_R_free                       0.258 
_refine.ls_R_factor_R_free_error                 0.017 
_refine.ls_R_factor_R_free_error_details         ? 
_refine.ls_percent_reflns_R_free                 9.400 
_refine.ls_number_reflns_R_free                  228 
_refine.ls_number_parameters                     ? 
_refine.ls_number_restraints                     ? 
_refine.occupancy_min                            ? 
_refine.occupancy_max                            ? 
_refine.correlation_coeff_Fo_to_Fc               ? 
_refine.correlation_coeff_Fo_to_Fc_free          ? 
_refine.B_iso_mean                               14.0 
_refine.aniso_B[1][1]                            3.22 
_refine.aniso_B[2][2]                            3.22 
_refine.aniso_B[3][3]                            -6.45 
_refine.aniso_B[1][2]                            3.51 
_refine.aniso_B[1][3]                            0.00 
_refine.aniso_B[2][3]                            0.00 
_refine.solvent_model_details                    ? 
_refine.solvent_model_param_ksol                 ? 
_refine.solvent_model_param_bsol                 ? 
_refine.pdbx_solvent_vdw_probe_radii             ? 
_refine.pdbx_solvent_ion_probe_radii             ? 
_refine.pdbx_solvent_shrinkage_radii             ? 
_refine.pdbx_ls_cross_valid_method               THROUGHOUT 
_refine.details                                  ? 
_refine.pdbx_starting_model                      1P4Z 
_refine.pdbx_method_to_determine_struct          'MOLECULAR REPLACEMENT' 
_refine.pdbx_isotropic_thermal_model             RESTRAINED 
_refine.pdbx_stereochemistry_target_values       CNS 
_refine.pdbx_stereochem_target_val_spec_case     ? 
_refine.pdbx_R_Free_selection_details            RANDOM 
_refine.pdbx_overall_ESU_R                       ? 
_refine.pdbx_overall_ESU_R_Free                  ? 
_refine.overall_SU_ML                            ? 
_refine.overall_SU_B                             ? 
_refine.ls_redundancy_reflns_obs                 ? 
_refine.overall_SU_R_Cruickshank_DPI             ? 
_refine.overall_SU_R_free                        ? 
_refine.ls_wR_factor_R_free                      ? 
_refine.ls_wR_factor_R_work                      ? 
_refine.overall_FOM_free_R_set                   ? 
_refine.overall_FOM_work_R_set                   ? 
_refine.pdbx_refine_id                           'X-RAY DIFFRACTION' 
_refine.pdbx_diffrn_id                           1 
_refine.pdbx_TLS_residual_ADP_flag               ? 
_refine.pdbx_overall_phase_error                 ? 
_refine.pdbx_overall_SU_R_free_Cruickshank_DPI   ? 
_refine.pdbx_overall_SU_R_Blow_DPI               ? 
_refine.pdbx_overall_SU_R_free_Blow_DPI          ? 
# 
_refine_analyze.entry_id                        1S1K 
_refine_analyze.Luzzati_coordinate_error_obs    0.25 
_refine_analyze.Luzzati_sigma_a_obs             0.26 
_refine_analyze.Luzzati_d_res_low_obs           5.00 
_refine_analyze.Luzzati_coordinate_error_free   0.26 
_refine_analyze.Luzzati_sigma_a_free            0.33 
_refine_analyze.Luzzati_d_res_low_free          ? 
_refine_analyze.number_disordered_residues      ? 
_refine_analyze.occupancy_sum_hydrogen          ? 
_refine_analyze.occupancy_sum_non_hydrogen      ? 
_refine_analyze.pdbx_refine_id                  'X-RAY DIFFRACTION' 
# 
_refine_hist.pdbx_refine_id                   'X-RAY DIFFRACTION' 
_refine_hist.cycle_id                         LAST 
_refine_hist.pdbx_number_atoms_protein        0 
_refine_hist.pdbx_number_atoms_nucleic_acid   203 
_refine_hist.pdbx_number_atoms_ligand         3 
_refine_hist.number_atoms_solvent             40 
_refine_hist.number_atoms_total               246 
_refine_hist.d_res_high                       1.90 
_refine_hist.d_res_low                        17.49 
# 
loop_
_refine_ls_restr.type 
_refine_ls_restr.dev_ideal 
_refine_ls_restr.dev_ideal_target 
_refine_ls_restr.weight 
_refine_ls_restr.number 
_refine_ls_restr.pdbx_refine_id 
_refine_ls_restr.pdbx_restraint_function 
c_bond_d                0.067 ? ? ? 'X-RAY DIFFRACTION' ? 
c_bond_d_na             ?     ? ? ? 'X-RAY DIFFRACTION' ? 
c_bond_d_prot           ?     ? ? ? 'X-RAY DIFFRACTION' ? 
c_angle_d               ?     ? ? ? 'X-RAY DIFFRACTION' ? 
c_angle_d_na            ?     ? ? ? 'X-RAY DIFFRACTION' ? 
c_angle_d_prot          ?     ? ? ? 'X-RAY DIFFRACTION' ? 
c_angle_deg             6.20  ? ? ? 'X-RAY DIFFRACTION' ? 
c_angle_deg_na          ?     ? ? ? 'X-RAY DIFFRACTION' ? 
c_angle_deg_prot        ?     ? ? ? 'X-RAY DIFFRACTION' ? 
c_dihedral_angle_d      21.60 ? ? ? 'X-RAY DIFFRACTION' ? 
c_dihedral_angle_d_na   ?     ? ? ? 'X-RAY DIFFRACTION' ? 
c_dihedral_angle_d_prot ?     ? ? ? 'X-RAY DIFFRACTION' ? 
c_improper_angle_d      5.46  ? ? ? 'X-RAY DIFFRACTION' ? 
c_improper_angle_d_na   ?     ? ? ? 'X-RAY DIFFRACTION' ? 
c_improper_angle_d_prot ?     ? ? ? 'X-RAY DIFFRACTION' ? 
c_mcbond_it             ?     ? ? ? 'X-RAY DIFFRACTION' ? 
c_mcangle_it            ?     ? ? ? 'X-RAY DIFFRACTION' ? 
c_scbond_it             ?     ? ? ? 'X-RAY DIFFRACTION' ? 
c_scangle_it            ?     ? ? ? 'X-RAY DIFFRACTION' ? 
# 
_refine_ls_shell.pdbx_total_number_of_bins_used   6 
_refine_ls_shell.d_res_high                       1.90 
_refine_ls_shell.d_res_low                        2.02 
_refine_ls_shell.number_reflns_R_work             287 
_refine_ls_shell.R_factor_R_work                  0.308 
_refine_ls_shell.percent_reflns_obs               80.70 
_refine_ls_shell.R_factor_R_free                  0.4 
_refine_ls_shell.R_factor_R_free_error            0.069 
_refine_ls_shell.percent_reflns_R_free            10.60 
_refine_ls_shell.number_reflns_R_free             34 
_refine_ls_shell.redundancy_reflns_obs            ? 
_refine_ls_shell.pdbx_refine_id                   'X-RAY DIFFRACTION' 
_refine_ls_shell.number_reflns_all                ? 
_refine_ls_shell.R_factor_all                     ? 
# 
_struct.entry_id                  1S1K 
_struct.title                     'INFLUENCE OF GROOVE INTERACTIONS ON DNA HOLLIDAY JUNCTION FORMATION' 
_struct.pdbx_model_details        ? 
_struct.pdbx_CASP_flag            ? 
_struct.pdbx_model_type_details   ? 
# 
_struct_keywords.entry_id        1S1K 
_struct_keywords.pdbx_keywords   DNA 
_struct_keywords.text            'B-DNA, DOUBLE HELIX, 2, 6-Diaminopurine, Minor groove interactions, DNA' 
# 
loop_
_struct_asym.id 
_struct_asym.pdbx_blank_PDB_chainid_flag 
_struct_asym.pdbx_modified 
_struct_asym.entity_id 
_struct_asym.details 
A N N 1 ? 
B N N 2 ? 
C N N 2 ? 
D N N 3 ? 
E N N 4 ? 
# 
_struct_biol.id                    1 
_struct_biol.pdbx_parent_biol_id   ? 
_struct_biol.details               ? 
# 
loop_
_struct_conn.id 
_struct_conn.conn_type_id 
_struct_conn.pdbx_leaving_atom_flag 
_struct_conn.pdbx_PDB_id 
_struct_conn.ptnr1_label_asym_id 
_struct_conn.ptnr1_label_comp_id 
_struct_conn.ptnr1_label_seq_id 
_struct_conn.ptnr1_label_atom_id 
_struct_conn.pdbx_ptnr1_label_alt_id 
_struct_conn.pdbx_ptnr1_PDB_ins_code 
_struct_conn.pdbx_ptnr1_standard_comp_id 
_struct_conn.ptnr1_symmetry 
_struct_conn.ptnr2_label_asym_id 
_struct_conn.ptnr2_label_comp_id 
_struct_conn.ptnr2_label_seq_id 
_struct_conn.ptnr2_label_atom_id 
_struct_conn.pdbx_ptnr2_label_alt_id 
_struct_conn.pdbx_ptnr2_PDB_ins_code 
_struct_conn.ptnr1_auth_asym_id 
_struct_conn.ptnr1_auth_comp_id 
_struct_conn.ptnr1_auth_seq_id 
_struct_conn.ptnr2_auth_asym_id 
_struct_conn.ptnr2_auth_comp_id 
_struct_conn.ptnr2_auth_seq_id 
_struct_conn.ptnr2_symmetry 
_struct_conn.pdbx_ptnr3_label_atom_id 
_struct_conn.pdbx_ptnr3_label_seq_id 
_struct_conn.pdbx_ptnr3_label_comp_id 
_struct_conn.pdbx_ptnr3_label_asym_id 
_struct_conn.pdbx_ptnr3_label_alt_id 
_struct_conn.pdbx_ptnr3_PDB_ins_code 
_struct_conn.details 
_struct_conn.pdbx_dist_value 
_struct_conn.pdbx_value_order 
_struct_conn.pdbx_role 
covale1  covale both ? A DC  2  "O3'" ? ? ? 1_555 A 1AP 3  P   ? ? A DC  2  A 1AP 3  1_555  ? ? ? ? ? ? ?                1.626 ? ? 
covale2  covale one  ? A 1AP 3  "O3'" ? ? ? 1_555 A DG  4  P   ? ? A 1AP 3  A DG  4  1_555  ? ? ? ? ? ? ?                1.634 ? ? 
covale3  covale none ? A 1AP 3  "O3'" ? ? ? 1_555 A DG  4  OP1 ? ? A 1AP 3  A DG  4  1_555  ? ? ? ? ? ? ?                1.935 ? ? 
metalc1  metalc ?    ? A DT  5  OP1   ? ? ? 1_555 D NA  .  NA  ? ? A DT  5  A NA  15 1_555  ? ? ? ? ? ? ?                2.502 ? ? 
metalc2  metalc ?    ? A DC  7  OP2   ? ? ? 1_555 C CA  .  CA  ? ? A DC  7  A CA  14 1_555  ? ? ? ? ? ? ?                2.539 ? ? 
metalc3  metalc ?    ? A DC  7  OP2   ? ? ? 8_555 C CA  .  CA  ? ? A DC  7  A CA  14 1_555  ? ? ? ? ? ? ?                2.448 ? ? 
metalc4  metalc ?    ? B CA  .  CA    ? ? ? 1_555 E HOH .  O   ? ? A CA  11 A HOH 20 1_555  ? ? ? ? ? ? ?                3.150 ? ? 
metalc5  metalc ?    ? B CA  .  CA    ? ? ? 1_555 E HOH .  O   ? ? A CA  11 A HOH 20 8_555  ? ? ? ? ? ? ?                3.173 ? ? 
metalc6  metalc ?    ? B CA  .  CA    ? ? ? 1_555 E HOH .  O   ? ? A CA  11 A HOH 45 1_555  ? ? ? ? ? ? ?                2.830 ? ? 
metalc7  metalc ?    ? B CA  .  CA    ? ? ? 1_555 E HOH .  O   ? ? A CA  11 A HOH 45 8_555  ? ? ? ? ? ? ?                2.840 ? ? 
metalc8  metalc ?    ? C CA  .  CA    ? ? ? 1_555 E HOH .  O   ? ? A CA  14 A HOH 23 8_555  ? ? ? ? ? ? ?                3.355 ? ? 
metalc9  metalc ?    ? C CA  .  CA    ? ? ? 1_555 E HOH .  O   ? ? A CA  14 A HOH 28 1_555  ? ? ? ? ? ? ?                2.375 ? ? 
metalc10 metalc ?    ? C CA  .  CA    ? ? ? 1_555 E HOH .  O   ? ? A CA  14 A HOH 28 8_555  ? ? ? ? ? ? ?                2.342 ? ? 
metalc11 metalc ?    ? D NA  .  NA    ? ? ? 1_555 E HOH .  O   ? ? A NA  15 A HOH 31 1_555  ? ? ? ? ? ? ?                1.795 ? ? 
metalc12 metalc ?    ? D NA  .  NA    ? ? ? 1_555 E HOH .  O   ? ? A NA  15 A HOH 36 1_555  ? ? ? ? ? ? ?                2.731 ? ? 
hydrog1  hydrog ?    ? A DC  1  N3    ? ? ? 1_555 A DG  10 N1  ? ? A DC  1  A DG  10 12_545 ? ? ? ? ? ? WATSON-CRICK     ?     ? ? 
hydrog2  hydrog ?    ? A DC  1  N4    ? ? ? 1_555 A DG  10 O6  ? ? A DC  1  A DG  10 12_545 ? ? ? ? ? ? WATSON-CRICK     ?     ? ? 
hydrog3  hydrog ?    ? A DC  1  O2    ? ? ? 1_555 A DG  10 N2  ? ? A DC  1  A DG  10 12_545 ? ? ? ? ? ? WATSON-CRICK     ?     ? ? 
hydrog4  hydrog ?    ? A DC  2  N3    ? ? ? 1_555 A DG  9  N1  ? ? A DC  2  A DG  9  12_545 ? ? ? ? ? ? WATSON-CRICK     ?     ? ? 
hydrog5  hydrog ?    ? A DC  2  N4    ? ? ? 1_555 A DG  9  O6  ? ? A DC  2  A DG  9  12_545 ? ? ? ? ? ? WATSON-CRICK     ?     ? ? 
hydrog6  hydrog ?    ? A DC  2  O2    ? ? ? 1_555 A DG  9  N2  ? ? A DC  2  A DG  9  12_545 ? ? ? ? ? ? WATSON-CRICK     ?     ? ? 
hydrog7  hydrog ?    ? A 1AP 3  N2    ? ? ? 1_555 A DT  8  O2  ? ? A 1AP 3  A DT  8  12_545 ? ? ? ? ? ? '1AP-DT MISPAIR' ?     ? ? 
hydrog8  hydrog ?    ? A DG  4  N1    ? ? ? 1_555 A DC  7  N3  ? ? A DG  4  A DC  7  12_545 ? ? ? ? ? ? WATSON-CRICK     ?     ? ? 
hydrog9  hydrog ?    ? A DG  4  N2    ? ? ? 1_555 A DC  7  O2  ? ? A DG  4  A DC  7  12_545 ? ? ? ? ? ? WATSON-CRICK     ?     ? ? 
hydrog10 hydrog ?    ? A DG  4  O6    ? ? ? 1_555 A DC  7  N4  ? ? A DG  4  A DC  7  12_545 ? ? ? ? ? ? WATSON-CRICK     ?     ? ? 
hydrog11 hydrog ?    ? A DT  5  N3    ? ? ? 1_555 A DA  6  N1  ? ? A DT  5  A DA  6  12_545 ? ? ? ? ? ? WATSON-CRICK     ?     ? ? 
hydrog12 hydrog ?    ? A DT  5  O4    ? ? ? 1_555 A DA  6  N6  ? ? A DT  5  A DA  6  12_545 ? ? ? ? ? ? WATSON-CRICK     ?     ? ? 
hydrog13 hydrog ?    ? A DA  6  N1    ? ? ? 1_555 A DT  5  N3  ? ? A DA  6  A DT  5  12_545 ? ? ? ? ? ? WATSON-CRICK     ?     ? ? 
hydrog14 hydrog ?    ? A DA  6  N6    ? ? ? 1_555 A DT  5  O4  ? ? A DA  6  A DT  5  12_545 ? ? ? ? ? ? WATSON-CRICK     ?     ? ? 
hydrog15 hydrog ?    ? A DC  7  N3    ? ? ? 1_555 A DG  4  N1  ? ? A DC  7  A DG  4  12_545 ? ? ? ? ? ? WATSON-CRICK     ?     ? ? 
hydrog16 hydrog ?    ? A DC  7  N4    ? ? ? 1_555 A DG  4  O6  ? ? A DC  7  A DG  4  12_545 ? ? ? ? ? ? WATSON-CRICK     ?     ? ? 
hydrog17 hydrog ?    ? A DC  7  O2    ? ? ? 1_555 A DG  4  N2  ? ? A DC  7  A DG  4  12_545 ? ? ? ? ? ? WATSON-CRICK     ?     ? ? 
hydrog18 hydrog ?    ? A DT  8  O2    ? ? ? 1_555 A 1AP 3  N2  ? ? A DT  8  A 1AP 3  12_545 ? ? ? ? ? ? 'DT-1AP MISPAIR' ?     ? ? 
hydrog19 hydrog ?    ? A DG  9  N1    ? ? ? 1_555 A DC  2  N3  ? ? A DG  9  A DC  2  12_545 ? ? ? ? ? ? WATSON-CRICK     ?     ? ? 
hydrog20 hydrog ?    ? A DG  9  N2    ? ? ? 1_555 A DC  2  O2  ? ? A DG  9  A DC  2  12_545 ? ? ? ? ? ? WATSON-CRICK     ?     ? ? 
hydrog21 hydrog ?    ? A DG  9  O6    ? ? ? 1_555 A DC  2  N4  ? ? A DG  9  A DC  2  12_545 ? ? ? ? ? ? WATSON-CRICK     ?     ? ? 
hydrog22 hydrog ?    ? A DG  10 N1    ? ? ? 1_555 A DC  1  N3  ? ? A DG  10 A DC  1  12_545 ? ? ? ? ? ? WATSON-CRICK     ?     ? ? 
hydrog23 hydrog ?    ? A DG  10 N2    ? ? ? 1_555 A DC  1  O2  ? ? A DG  10 A DC  1  12_545 ? ? ? ? ? ? WATSON-CRICK     ?     ? ? 
hydrog24 hydrog ?    ? A DG  10 O6    ? ? ? 1_555 A DC  1  N4  ? ? A DG  10 A DC  1  12_545 ? ? ? ? ? ? WATSON-CRICK     ?     ? ? 
# 
loop_
_struct_conn_type.id 
_struct_conn_type.criteria 
_struct_conn_type.reference 
covale ? ? 
metalc ? ? 
hydrog ? ? 
# 
loop_
_struct_site.id 
_struct_site.pdbx_evidence_code 
_struct_site.pdbx_auth_asym_id 
_struct_site.pdbx_auth_comp_id 
_struct_site.pdbx_auth_seq_id 
_struct_site.pdbx_auth_ins_code 
_struct_site.pdbx_num_residues 
_struct_site.details 
AC1 Software A CA 11 ? 2 'BINDING SITE FOR RESIDUE CA A 11' 
AC2 Software A CA 14 ? 4 'BINDING SITE FOR RESIDUE CA A 14' 
AC3 Software A NA 15 ? 3 'BINDING SITE FOR RESIDUE NA A 15' 
# 
loop_
_struct_site_gen.id 
_struct_site_gen.site_id 
_struct_site_gen.pdbx_num_res 
_struct_site_gen.label_comp_id 
_struct_site_gen.label_asym_id 
_struct_site_gen.label_seq_id 
_struct_site_gen.pdbx_auth_ins_code 
_struct_site_gen.auth_comp_id 
_struct_site_gen.auth_asym_id 
_struct_site_gen.auth_seq_id 
_struct_site_gen.label_atom_id 
_struct_site_gen.label_alt_id 
_struct_site_gen.symmetry 
_struct_site_gen.details 
1 AC1 2 HOH E . ? HOH A 45 . ? 1_555 ? 
2 AC1 2 HOH E . ? HOH A 45 . ? 8_555 ? 
3 AC2 4 DC  A 7 ? DC  A 7  . ? 1_555 ? 
4 AC2 4 DC  A 7 ? DC  A 7  . ? 8_555 ? 
5 AC2 4 HOH E . ? HOH A 28 . ? 1_555 ? 
6 AC2 4 HOH E . ? HOH A 28 . ? 8_555 ? 
7 AC3 3 DT  A 5 ? DT  A 5  . ? 1_555 ? 
8 AC3 3 HOH E . ? HOH A 31 . ? 1_555 ? 
9 AC3 3 HOH E . ? HOH A 36 . ? 1_555 ? 
# 
_atom_sites.entry_id                    1S1K 
_atom_sites.fract_transf_matrix[1][1]   -0.01684858 
_atom_sites.fract_transf_matrix[1][2]   0.00757896 
_atom_sites.fract_transf_matrix[1][3]   -0.02977017 
_atom_sites.fract_transf_matrix[2][1]   -0.02016769 
_atom_sites.fract_transf_matrix[2][2]   -0.02418505 
_atom_sites.fract_transf_matrix[2][3]   -0.01536031 
_atom_sites.fract_transf_matrix[3][1]   -0.00888390 
_atom_sites.fract_transf_matrix[3][2]   0.00362826 
_atom_sites.fract_transf_matrix[3][3]   0.00595158 
_atom_sites.fract_transf_vector[1]      0.819966 
_atom_sites.fract_transf_vector[2]      -0.082012 
_atom_sites.fract_transf_vector[3]      0.071506 
# 
loop_
_atom_type.symbol 
C  
CA 
N  
NA 
O  
P  
# 
loop_
_atom_site.group_PDB 
_atom_site.id 
_atom_site.type_symbol 
_atom_site.label_atom_id 
_atom_site.label_alt_id 
_atom_site.label_comp_id 
_atom_site.label_asym_id 
_atom_site.label_entity_id 
_atom_site.label_seq_id 
_atom_site.pdbx_PDB_ins_code 
_atom_site.Cartn_x 
_atom_site.Cartn_y 
_atom_site.Cartn_z 
_atom_site.occupancy 
_atom_site.B_iso_or_equiv 
_atom_site.pdbx_formal_charge 
_atom_site.auth_seq_id 
_atom_site.auth_comp_id 
_atom_site.auth_asym_id 
_atom_site.auth_atom_id 
_atom_site.pdbx_PDB_model_num 
ATOM   1   O  "O5'" . DC  A 1 1  ? -2.347  16.427  2.091   1.00 16.83 ? 1  DC  A "O5'" 1 
ATOM   2   C  "C5'" . DC  A 1 1  ? -2.493  17.389  1.015   1.00 15.99 ? 1  DC  A "C5'" 1 
ATOM   3   C  "C4'" . DC  A 1 1  ? -1.682  17.303  -0.270  1.00 16.06 ? 1  DC  A "C4'" 1 
ATOM   4   O  "O4'" . DC  A 1 1  ? -0.221  17.285  -0.054  1.00 15.10 ? 1  DC  A "O4'" 1 
ATOM   5   C  "C3'" . DC  A 1 1  ? -2.099  16.015  -1.004  1.00 16.57 ? 1  DC  A "C3'" 1 
ATOM   6   O  "O3'" . DC  A 1 1  ? -2.253  16.070  -2.449  1.00 19.07 ? 1  DC  A "O3'" 1 
ATOM   7   C  "C2'" . DC  A 1 1  ? -1.137  15.020  -0.530  1.00 15.21 ? 1  DC  A "C2'" 1 
ATOM   8   C  "C1'" . DC  A 1 1  ? 0.194   15.895  -0.323  1.00 14.84 ? 1  DC  A "C1'" 1 
ATOM   9   N  N1    . DC  A 1 1  ? 1.165   15.357  0.756   1.00 13.64 ? 1  DC  A N1    1 
ATOM   10  C  C2    . DC  A 1 1  ? 2.459   15.080  0.413   1.00 13.57 ? 1  DC  A C2    1 
ATOM   11  O  O2    . DC  A 1 1  ? 2.680   15.157  -0.765  1.00 14.79 ? 1  DC  A O2    1 
ATOM   12  N  N3    . DC  A 1 1  ? 3.455   14.686  1.312   1.00 12.77 ? 1  DC  A N3    1 
ATOM   13  C  C4    . DC  A 1 1  ? 3.162   14.503  2.594   1.00 12.82 ? 1  DC  A C4    1 
ATOM   14  N  N4    . DC  A 1 1  ? 4.055   13.956  3.423   1.00 10.67 ? 1  DC  A N4    1 
ATOM   15  C  C5    . DC  A 1 1  ? 1.795   14.817  3.060   1.00 13.91 ? 1  DC  A C5    1 
ATOM   16  C  C6    . DC  A 1 1  ? 0.799   15.186  2.053   1.00 14.09 ? 1  DC  A C6    1 
ATOM   17  P  P     . DC  A 1 2  ? -3.319  15.083  -3.187  1.00 20.16 ? 2  DC  A P     1 
ATOM   18  O  OP1   . DC  A 1 2  ? -3.939  15.671  -4.300  1.00 21.61 ? 2  DC  A OP1   1 
ATOM   19  O  OP2   . DC  A 1 2  ? -4.117  13.880  -2.497  1.00 22.26 ? 2  DC  A OP2   1 
ATOM   20  O  "O5'" . DC  A 1 2  ? -2.131  14.187  -3.868  1.00 21.74 ? 2  DC  A "O5'" 1 
ATOM   21  C  "C5'" . DC  A 1 2  ? -1.641  14.576  -5.122  1.00 19.60 ? 2  DC  A "C5'" 1 
ATOM   22  C  "C4'" . DC  A 1 2  ? -0.486  13.694  -5.381  1.00 20.08 ? 2  DC  A "C4'" 1 
ATOM   23  O  "O4'" . DC  A 1 2  ? 0.460   13.756  -4.269  1.00 19.34 ? 2  DC  A "O4'" 1 
ATOM   24  C  "C3'" . DC  A 1 2  ? -1.137  12.291  -5.374  1.00 20.56 ? 2  DC  A "C3'" 1 
ATOM   25  O  "O3'" . DC  A 1 2  ? -0.429  11.280  -6.041  1.00 20.00 ? 2  DC  A "O3'" 1 
ATOM   26  C  "C2'" . DC  A 1 2  ? -0.834  11.848  -4.008  1.00 20.99 ? 2  DC  A "C2'" 1 
ATOM   27  C  "C1'" . DC  A 1 2  ? 0.606   12.367  -3.919  1.00 19.77 ? 2  DC  A "C1'" 1 
ATOM   28  N  N1    . DC  A 1 2  ? 1.011   12.101  -2.541  1.00 18.61 ? 2  DC  A N1    1 
ATOM   29  C  C2    . DC  A 1 2  ? 2.385   11.675  -2.191  1.00 18.54 ? 2  DC  A C2    1 
ATOM   30  O  O2    . DC  A 1 2  ? 3.245   11.481  -3.072  1.00 19.89 ? 2  DC  A O2    1 
ATOM   31  N  N3    . DC  A 1 2  ? 2.673   11.465  -0.904  1.00 17.84 ? 2  DC  A N3    1 
ATOM   32  C  C4    . DC  A 1 2  ? 1.708   11.630  0.029   1.00 17.92 ? 2  DC  A C4    1 
ATOM   33  N  N4    . DC  A 1 2  ? 2.045   11.477  1.422   1.00 17.74 ? 2  DC  A N4    1 
ATOM   34  C  C5    . DC  A 1 2  ? 0.356   11.956  -0.339  1.00 16.89 ? 2  DC  A C5    1 
ATOM   35  C  C6    . DC  A 1 2  ? 0.083   12.183  -1.578  1.00 17.87 ? 2  DC  A C6    1 
HETATM 36  N  N1    . 1AP A 1 3  ? 3.336   7.759   -0.871  1.00 7.08  ? 3  1AP A N1    1 
HETATM 37  C  C2    . 1AP A 1 3  ? 4.105   7.582   -1.798  1.00 7.34  ? 3  1AP A C2    1 
HETATM 38  C  C4    . 1AP A 1 3  ? 2.687   7.936   -3.448  1.00 8.88  ? 3  1AP A C4    1 
HETATM 39  C  C5    . 1AP A 1 3  ? 1.755   8.287   -2.530  1.00 8.32  ? 3  1AP A C5    1 
HETATM 40  C  C6    . 1AP A 1 3  ? 2.141   8.088   -1.161  1.00 7.90  ? 3  1AP A C6    1 
HETATM 41  C  C8    . 1AP A 1 3  ? 0.587   8.133   -4.419  1.00 10.28 ? 3  1AP A C8    1 
HETATM 42  N  N2    . 1AP A 1 3  ? 5.192   7.686   -1.382  1.00 10.99 ? 3  1AP A N2    1 
HETATM 43  N  N3    . 1AP A 1 3  ? 3.962   7.569   -3.046  1.00 7.54  ? 3  1AP A N3    1 
HETATM 44  N  N9    . 1AP A 1 3  ? 1.995   7.891   -4.758  1.00 10.34 ? 3  1AP A N9    1 
HETATM 45  N  N7    . 1AP A 1 3  ? 0.490   8.576   -3.124  1.00 9.27  ? 3  1AP A N7    1 
HETATM 46  N  N6    . 1AP A 1 3  ? 1.488   8.183   -0.246  1.00 8.32  ? 3  1AP A N6    1 
HETATM 47  P  P     . 1AP A 1 3  ? -1.187  10.384  -7.165  1.00 22.89 ? 3  1AP A P     1 
HETATM 48  O  OP1   . 1AP A 1 3  ? -1.655  11.384  -8.087  1.00 23.07 ? 3  1AP A OP1   1 
HETATM 49  O  OP2   . 1AP A 1 3  ? -2.228  9.465   -6.558  1.00 24.05 ? 3  1AP A OP2   1 
HETATM 50  O  "O5'" . 1AP A 1 3  ? 0.126   9.535   -7.744  1.00 20.15 ? 3  1AP A "O5'" 1 
HETATM 51  C  "C5'" . 1AP A 1 3  ? 1.536   10.229  -8.051  1.00 18.39 ? 3  1AP A "C5'" 1 
HETATM 52  C  "C4'" . 1AP A 1 3  ? 2.765   9.294   -7.928  1.00 16.47 ? 3  1AP A "C4'" 1 
HETATM 53  O  "O4'" . 1AP A 1 3  ? 2.954   8.925   -6.518  1.00 15.23 ? 3  1AP A "O4'" 1 
HETATM 54  C  "C1'" . 1AP A 1 3  ? 2.486   7.810   -6.144  1.00 11.82 ? 3  1AP A "C1'" 1 
HETATM 55  C  "C2'" . 1AP A 1 3  ? 1.801   7.259   -7.326  1.00 13.81 ? 3  1AP A "C2'" 1 
HETATM 56  C  "C3'" . 1AP A 1 3  ? 2.462   7.940   -8.520  1.00 16.25 ? 3  1AP A "C3'" 1 
HETATM 57  O  "O3'" . 1AP A 1 3  ? 3.566   7.189   -9.049  1.00 17.15 ? 3  1AP A "O3'" 1 
ATOM   58  P  P     . DG  A 1 4  ? 3.321   5.602   -9.350  1.00 17.61 ? 4  DG  A P     1 
ATOM   59  O  OP1   . DG  A 1 4  ? 4.320   5.999   -10.374 1.00 17.00 ? 4  DG  A OP1   1 
ATOM   60  O  OP2   . DG  A 1 4  ? 2.212   4.761   -9.678  1.00 16.42 ? 4  DG  A OP2   1 
ATOM   61  O  "O5'" . DG  A 1 4  ? 4.032   4.950   -7.996  1.00 16.61 ? 4  DG  A "O5'" 1 
ATOM   62  C  "C5'" . DG  A 1 4  ? 5.350   5.178   -7.719  1.00 11.55 ? 4  DG  A "C5'" 1 
ATOM   63  C  "C4'" . DG  A 1 4  ? 5.726   4.473   -6.470  1.00 8.22  ? 4  DG  A "C4'" 1 
ATOM   64  O  "O4'" . DG  A 1 4  ? 4.797   5.044   -5.468  1.00 7.91  ? 4  DG  A "O4'" 1 
ATOM   65  C  "C3'" . DG  A 1 4  ? 5.597   2.925   -6.482  1.00 8.96  ? 4  DG  A "C3'" 1 
ATOM   66  O  "O3'" . DG  A 1 4  ? 6.663   2.333   -6.037  1.00 7.74  ? 4  DG  A "O3'" 1 
ATOM   67  C  "C2'" . DG  A 1 4  ? 4.431   2.636   -5.449  1.00 8.81  ? 4  DG  A "C2'" 1 
ATOM   68  C  "C1'" . DG  A 1 4  ? 4.434   3.949   -4.593  1.00 7.04  ? 4  DG  A "C1'" 1 
ATOM   69  N  N9    . DG  A 1 4  ? 3.108   4.208   -3.958  1.00 6.36  ? 4  DG  A N9    1 
ATOM   70  C  C8    . DG  A 1 4  ? 1.966   4.499   -4.455  1.00 5.03  ? 4  DG  A C8    1 
ATOM   71  N  N7    . DG  A 1 4  ? 1.114   4.722   -3.531  1.00 7.86  ? 4  DG  A N7    1 
ATOM   72  C  C5    . DG  A 1 4  ? 1.785   4.636   -2.312  1.00 6.44  ? 4  DG  A C5    1 
ATOM   73  C  C6    . DG  A 1 4  ? 1.347   4.824   -0.919  1.00 6.48  ? 4  DG  A C6    1 
ATOM   74  O  O6    . DG  A 1 4  ? 0.228   5.150   -0.506  1.00 5.95  ? 4  DG  A O6    1 
ATOM   75  N  N1    . DG  A 1 4  ? 2.384   4.616   -0.006  1.00 6.92  ? 4  DG  A N1    1 
ATOM   76  C  C2    . DG  A 1 4  ? 3.707   4.299   -0.392  1.00 7.08  ? 4  DG  A C2    1 
ATOM   77  N  N2    . DG  A 1 4  ? 4.724   4.291   0.531   1.00 8.02  ? 4  DG  A N2    1 
ATOM   78  N  N3    . DG  A 1 4  ? 4.005   4.083   -1.724  1.00 6.87  ? 4  DG  A N3    1 
ATOM   79  C  C4    . DG  A 1 4  ? 3.004   4.268   -2.559  1.00 6.10  ? 4  DG  A C4    1 
ATOM   80  P  P     . DT  A 1 5  ? 6.768   0.817   -6.173  1.00 9.49  ? 5  DT  A P     1 
ATOM   81  O  OP1   . DT  A 1 5  ? 8.169   0.473   -6.342  1.00 9.85  ? 5  DT  A OP1   1 
ATOM   82  O  OP2   . DT  A 1 5  ? 5.858   0.142   -7.096  1.00 12.25 ? 5  DT  A OP2   1 
ATOM   83  O  "O5'" . DT  A 1 5  ? 6.483   0.202   -4.769  1.00 9.22  ? 5  DT  A "O5'" 1 
ATOM   84  C  "C5'" . DT  A 1 5  ? 7.404   0.448   -3.763  1.00 6.06  ? 5  DT  A "C5'" 1 
ATOM   85  C  "C4'" . DT  A 1 5  ? 6.916   -0.140  -2.504  1.00 6.21  ? 5  DT  A "C4'" 1 
ATOM   86  O  "O4'" . DT  A 1 5  ? 5.779   0.736   -2.237  1.00 4.61  ? 5  DT  A "O4'" 1 
ATOM   87  C  "C3'" . DT  A 1 5  ? 6.485   -1.597  -2.523  1.00 6.34  ? 5  DT  A "C3'" 1 
ATOM   88  O  "O3'" . DT  A 1 5  ? 6.593   -2.128  -1.391  1.00 8.53  ? 5  DT  A "O3'" 1 
ATOM   89  C  "C2'" . DT  A 1 5  ? 5.060   -1.514  -2.136  1.00 5.72  ? 5  DT  A "C2'" 1 
ATOM   90  C  "C1'" . DT  A 1 5  ? 4.935   -0.019  -1.487  1.00 5.04  ? 5  DT  A "C1'" 1 
ATOM   91  N  N1    . DT  A 1 5  ? 3.460   0.584   -1.524  1.00 6.39  ? 5  DT  A N1    1 
ATOM   92  C  C2    . DT  A 1 5  ? 2.891   0.882   -0.307  1.00 5.55  ? 5  DT  A C2    1 
ATOM   93  O  O2    . DT  A 1 5  ? 3.535   0.878   0.834   1.00 5.71  ? 5  DT  A O2    1 
ATOM   94  N  N3    . DT  A 1 5  ? 1.640   1.196   -0.437  1.00 6.27  ? 5  DT  A N3    1 
ATOM   95  C  C4    . DT  A 1 5  ? 0.836   1.421   -1.575  1.00 6.92  ? 5  DT  A C4    1 
ATOM   96  O  O4    . DT  A 1 5  ? -0.218  1.874   -1.456  1.00 7.03  ? 5  DT  A O4    1 
ATOM   97  C  C5    . DT  A 1 5  ? 1.433   1.176   -2.753  1.00 5.91  ? 5  DT  A C5    1 
ATOM   98  C  C7    . DT  A 1 5  ? 0.677   1.405   -3.973  1.00 9.36  ? 5  DT  A C7    1 
ATOM   99  C  C6    . DT  A 1 5  ? 2.683   0.774   -2.708  1.00 6.55  ? 5  DT  A C6    1 
ATOM   100 P  P     . DA  A 1 6  ? 6.922   -3.640  -1.229  1.00 10.00 ? 6  DA  A P     1 
ATOM   101 O  OP1   . DA  A 1 6  ? 8.154   -3.409  -1.518  1.00 11.86 ? 6  DA  A OP1   1 
ATOM   102 O  OP2   . DA  A 1 6  ? 5.935   -4.481  -2.200  1.00 14.00 ? 6  DA  A OP2   1 
ATOM   103 O  "O5'" . DA  A 1 6  ? 7.107   -3.992  0.251   1.00 9.96  ? 6  DA  A "O5'" 1 
ATOM   104 C  "C5'" . DA  A 1 6  ? 7.482   -3.100  1.298   1.00 8.57  ? 6  DA  A "C5'" 1 
ATOM   105 C  "C4'" . DA  A 1 6  ? 6.682   -3.435  2.523   1.00 8.71  ? 6  DA  A "C4'" 1 
ATOM   106 O  "O4'" . DA  A 1 6  ? 5.415   -2.846  2.342   1.00 8.40  ? 6  DA  A "O4'" 1 
ATOM   107 C  "C3'" . DA  A 1 6  ? 6.350   -4.827  2.890   1.00 11.15 ? 6  DA  A "C3'" 1 
ATOM   108 O  "O3'" . DA  A 1 6  ? 6.260   -4.996  4.290   1.00 13.86 ? 6  DA  A "O3'" 1 
ATOM   109 C  "C2'" . DA  A 1 6  ? 4.875   -4.990  2.467   1.00 10.24 ? 6  DA  A "C2'" 1 
ATOM   110 C  "C1'" . DA  A 1 6  ? 4.328   -3.634  2.499   1.00 8.75  ? 6  DA  A "C1'" 1 
ATOM   111 N  N9    . DA  A 1 6  ? 3.259   -3.182  1.467   1.00 6.02  ? 6  DA  A N9    1 
ATOM   112 C  C8    . DA  A 1 6  ? 3.387   -3.194  0.138   1.00 6.64  ? 6  DA  A C8    1 
ATOM   113 N  N7    . DA  A 1 6  ? 2.424   -2.712  -0.537  1.00 4.57  ? 6  DA  A N7    1 
ATOM   114 C  C5    . DA  A 1 6  ? 1.494   -2.396  0.477   1.00 5.13  ? 6  DA  A C5    1 
ATOM   115 C  C6    . DA  A 1 6  ? 0.069   -1.841  0.446   1.00 3.26  ? 6  DA  A C6    1 
ATOM   116 N  N6    . DA  A 1 6  ? -0.526  -1.710  -0.557  1.00 2.47  ? 6  DA  A N6    1 
ATOM   117 N  N1    . DA  A 1 6  ? -0.470  -1.475  1.591   1.00 3.69  ? 6  DA  A N1    1 
ATOM   118 C  C2    . DA  A 1 6  ? 0.345   -1.621  2.636   1.00 2.47  ? 6  DA  A C2    1 
ATOM   119 N  N3    . DA  A 1 6  ? 1.469   -2.149  2.788   1.00 3.33  ? 6  DA  A N3    1 
ATOM   120 C  C4    . DA  A 1 6  ? 2.040   -2.580  1.695   1.00 5.01  ? 6  DA  A C4    1 
ATOM   121 P  P     . DC  A 1 7  ? 5.988   -6.530  4.878   1.00 15.39 ? 7  DC  A P     1 
ATOM   122 O  OP1   . DC  A 1 7  ? 7.356   -6.183  5.525   1.00 15.50 ? 7  DC  A OP1   1 
ATOM   123 O  OP2   . DC  A 1 7  ? 5.853   -7.776  3.996   1.00 15.81 ? 7  DC  A OP2   1 
ATOM   124 O  "O5'" . DC  A 1 7  ? 4.637   -6.555  5.492   1.00 13.91 ? 7  DC  A "O5'" 1 
ATOM   125 C  "C5'" . DC  A 1 7  ? 3.780   -5.505  5.195   1.00 15.53 ? 7  DC  A "C5'" 1 
ATOM   126 C  "C4'" . DC  A 1 7  ? 2.528   -5.652  6.021   1.00 14.47 ? 7  DC  A "C4'" 1 
ATOM   127 O  "O4'" . DC  A 1 7  ? 1.833   -5.174  4.908   1.00 12.70 ? 7  DC  A "O4'" 1 
ATOM   128 C  "C3'" . DC  A 1 7  ? 2.084   -7.088  6.273   1.00 15.61 ? 7  DC  A "C3'" 1 
ATOM   129 O  "O3'" . DC  A 1 7  ? 1.340   -7.371  7.475   1.00 19.64 ? 7  DC  A "O3'" 1 
ATOM   130 C  "C2'" . DC  A 1 7  ? 1.441   -7.484  5.004   1.00 12.66 ? 7  DC  A "C2'" 1 
ATOM   131 C  "C1'" . DC  A 1 7  ? 0.932   -6.144  4.563   1.00 11.52 ? 7  DC  A "C1'" 1 
ATOM   132 N  N1    . DC  A 1 7  ? 0.571   -5.891  3.194   1.00 8.30  ? 7  DC  A N1    1 
ATOM   133 C  C2    . DC  A 1 7  ? -0.599  -5.104  2.932   1.00 8.33  ? 7  DC  A C2    1 
ATOM   134 O  O2    . DC  A 1 7  ? -1.032  -4.479  3.834   1.00 7.47  ? 7  DC  A O2    1 
ATOM   135 N  N3    . DC  A 1 7  ? -1.142  -5.017  1.651   1.00 5.73  ? 7  DC  A N3    1 
ATOM   136 C  C4    . DC  A 1 7  ? -0.328  -5.380  0.698   1.00 6.86  ? 7  DC  A C4    1 
ATOM   137 N  N4    . DC  A 1 7  ? -0.652  -5.210  -0.494  1.00 4.77  ? 7  DC  A N4    1 
ATOM   138 C  C5    . DC  A 1 7  ? 0.974   -5.963  0.960   1.00 7.57  ? 7  DC  A C5    1 
ATOM   139 C  C6    . DC  A 1 7  ? 1.302   -6.326  2.219   1.00 7.15  ? 7  DC  A C6    1 
ATOM   140 P  P     . DT  A 1 8  ? 0.736   -8.962  7.837   1.00 22.98 ? 8  DT  A P     1 
ATOM   141 O  OP1   . DT  A 1 8  ? 1.492   -9.509  9.003   1.00 22.38 ? 8  DT  A OP1   1 
ATOM   142 O  OP2   . DT  A 1 8  ? 0.719   -10.027 6.562   1.00 22.69 ? 8  DT  A OP2   1 
ATOM   143 O  "O5'" . DT  A 1 8  ? -0.789  -8.653  8.163   1.00 19.51 ? 8  DT  A "O5'" 1 
ATOM   144 C  "C5'" . DT  A 1 8  ? -1.260  -7.276  8.216   1.00 16.17 ? 8  DT  A "C5'" 1 
ATOM   145 C  "C4'" . DT  A 1 8  ? -2.756  -7.317  8.282   1.00 13.80 ? 8  DT  A "C4'" 1 
ATOM   146 O  "O4'" . DT  A 1 8  ? -3.213  -7.039  7.064   1.00 11.88 ? 8  DT  A "O4'" 1 
ATOM   147 C  "C3'" . DT  A 1 8  ? -3.407  -8.589  8.634   1.00 13.11 ? 8  DT  A "C3'" 1 
ATOM   148 O  "O3'" . DT  A 1 8  ? -4.374  -8.323  9.581   1.00 12.28 ? 8  DT  A "O3'" 1 
ATOM   149 C  "C2'" . DT  A 1 8  ? -3.744  -9.204  7.255   1.00 12.37 ? 8  DT  A "C2'" 1 
ATOM   150 C  "C1'" . DT  A 1 8  ? -3.880  -8.072  6.428   1.00 10.81 ? 8  DT  A "C1'" 1 
ATOM   151 N  N1    . DT  A 1 8  ? -3.411  -8.108  4.964   1.00 9.66  ? 8  DT  A N1    1 
ATOM   152 C  C2    . DT  A 1 8  ? -4.214  -7.457  4.023   1.00 8.92  ? 8  DT  A C2    1 
ATOM   153 O  O2    . DT  A 1 8  ? -5.165  -6.957  4.262   1.00 9.59  ? 8  DT  A O2    1 
ATOM   154 N  N3    . DT  A 1 8  ? -3.759  -7.466  2.749   1.00 8.48  ? 8  DT  A N3    1 
ATOM   155 C  C4    . DT  A 1 8  ? -2.601  -8.054  2.315   1.00 8.28  ? 8  DT  A C4    1 
ATOM   156 O  O4    . DT  A 1 8  ? -2.371  -7.999  1.152   1.00 8.19  ? 8  DT  A O4    1 
ATOM   157 C  C5    . DT  A 1 8  ? -1.858  -8.729  3.336   1.00 7.17  ? 8  DT  A C5    1 
ATOM   158 C  C7    . DT  A 1 8  ? -0.696  -9.424  2.965   1.00 8.53  ? 8  DT  A C7    1 
ATOM   159 C  C6    . DT  A 1 8  ? -2.251  -8.728  4.534   1.00 7.97  ? 8  DT  A C6    1 
ATOM   160 P  P     . DG  A 1 9  ? -5.711  -9.295  9.822   1.00 13.37 ? 9  DG  A P     1 
ATOM   161 O  OP1   . DG  A 1 9  ? -5.608  -8.839  11.097  1.00 13.24 ? 9  DG  A OP1   1 
ATOM   162 O  OP2   . DG  A 1 9  ? -5.745  -10.600 9.510   1.00 14.04 ? 9  DG  A OP2   1 
ATOM   163 O  "O5'" . DG  A 1 9  ? -7.129  -8.936  9.300   1.00 11.45 ? 9  DG  A "O5'" 1 
ATOM   164 C  "C5'" . DG  A 1 9  ? -7.337  -8.259  8.237   1.00 12.89 ? 9  DG  A "C5'" 1 
ATOM   165 C  "C4'" . DG  A 1 9  ? -8.800  -8.351  7.831   1.00 12.33 ? 9  DG  A "C4'" 1 
ATOM   166 O  "O4'" . DG  A 1 9  ? -8.584  -8.555  6.468   1.00 13.65 ? 9  DG  A "O4'" 1 
ATOM   167 C  "C3'" . DG  A 1 9  ? -9.668  -9.571  8.152   1.00 13.38 ? 9  DG  A "C3'" 1 
ATOM   168 O  "O3'" . DG  A 1 9  ? -11.016 -9.300  7.903   1.00 16.23 ? 9  DG  A "O3'" 1 
ATOM   169 C  "C2'" . DG  A 1 9  ? -8.992  -10.701 7.458   1.00 12.03 ? 9  DG  A "C2'" 1 
ATOM   170 C  "C1'" . DG  A 1 9  ? -8.684  -9.897  6.210   1.00 12.26 ? 9  DG  A "C1'" 1 
ATOM   171 N  N9    . DG  A 1 9  ? -7.600  -10.240 5.358   1.00 10.47 ? 9  DG  A N9    1 
ATOM   172 C  C8    . DG  A 1 9  ? -6.392  -10.770 5.743   1.00 11.17 ? 9  DG  A C8    1 
ATOM   173 N  N7    . DG  A 1 9  ? -5.589  -10.878 4.740   1.00 10.95 ? 9  DG  A N7    1 
ATOM   174 C  C5    . DG  A 1 9  ? -6.366  -10.472 3.643   1.00 9.78  ? 9  DG  A C5    1 
ATOM   175 C  C6    . DG  A 1 9  ? -5.923  -10.300 2.362   1.00 8.26  ? 9  DG  A C6    1 
ATOM   176 O  O6    . DG  A 1 9  ? -4.835  -10.406 2.020   1.00 6.86  ? 9  DG  A O6    1 
ATOM   177 N  N1    . DG  A 1 9  ? -6.876  -9.778  1.587   1.00 8.38  ? 9  DG  A N1    1 
ATOM   178 C  C2    . DG  A 1 9  ? -8.057  -9.308  2.010   1.00 8.18  ? 9  DG  A C2    1 
ATOM   179 N  N2    . DG  A 1 9  ? -8.885  -8.620  0.978   1.00 7.10  ? 9  DG  A N2    1 
ATOM   180 N  N3    . DG  A 1 9  ? -8.474  -9.429  3.355   1.00 9.17  ? 9  DG  A N3    1 
ATOM   181 C  C4    . DG  A 1 9  ? -7.577  -10.043 4.034   1.00 9.33  ? 9  DG  A C4    1 
ATOM   182 P  P     . DG  A 1 10 ? -12.143 -10.506 7.971   1.00 19.70 ? 10 DG  A P     1 
ATOM   183 O  OP1   . DG  A 1 10 ? -13.271 -10.052 8.722   1.00 18.26 ? 10 DG  A OP1   1 
ATOM   184 O  OP2   . DG  A 1 10 ? -11.268 -11.742 8.326   1.00 19.63 ? 10 DG  A OP2   1 
ATOM   185 O  "O5'" . DG  A 1 10 ? -12.993 -10.743 6.759   1.00 18.09 ? 10 DG  A "O5'" 1 
ATOM   186 C  "C5'" . DG  A 1 10 ? -12.845 -9.921  5.763   1.00 19.76 ? 10 DG  A "C5'" 1 
ATOM   187 C  "C4'" . DG  A 1 10 ? -13.062 -10.712 4.495   1.00 19.86 ? 10 DG  A "C4'" 1 
ATOM   188 O  "O4'" . DG  A 1 10 ? -11.980 -10.907 3.503   1.00 18.34 ? 10 DG  A "O4'" 1 
ATOM   189 C  "C3'" . DG  A 1 10 ? -13.682 -12.088 4.765   1.00 19.24 ? 10 DG  A "C3'" 1 
ATOM   190 O  "O3'" . DG  A 1 10 ? -14.058 -12.046 3.513   1.00 19.28 ? 10 DG  A "O3'" 1 
ATOM   191 C  "C2'" . DG  A 1 10 ? -12.476 -12.970 4.714   1.00 18.92 ? 10 DG  A "C2'" 1 
ATOM   192 C  "C1'" . DG  A 1 10 ? -11.762 -12.387 3.491   1.00 17.45 ? 10 DG  A "C1'" 1 
ATOM   193 N  N9    . DG  A 1 10 ? -10.318 -12.694 3.441   1.00 16.35 ? 10 DG  A N9    1 
ATOM   194 C  C8    . DG  A 1 10 ? -9.433  -12.849 4.445   1.00 15.57 ? 10 DG  A C8    1 
ATOM   195 N  N7    . DG  A 1 10 ? -8.191  -13.017 4.043   1.00 14.02 ? 10 DG  A N7    1 
ATOM   196 C  C5    . DG  A 1 10 ? -8.263  -13.069 2.703   1.00 15.23 ? 10 DG  A C5    1 
ATOM   197 C  C6    . DG  A 1 10 ? -7.280  -13.236 1.798   1.00 14.30 ? 10 DG  A C6    1 
ATOM   198 O  O6    . DG  A 1 10 ? -6.141  -13.683 2.008   1.00 15.49 ? 10 DG  A O6    1 
ATOM   199 N  N1    . DG  A 1 10 ? -7.665  -12.901 0.569   1.00 14.71 ? 10 DG  A N1    1 
ATOM   200 C  C2    . DG  A 1 10 ? -8.888  -12.540 0.052   1.00 15.58 ? 10 DG  A C2    1 
ATOM   201 N  N2    . DG  A 1 10 ? -8.939  -12.178 -1.326  1.00 15.40 ? 10 DG  A N2    1 
ATOM   202 N  N3    . DG  A 1 10 ? -9.973  -12.502 0.837   1.00 16.36 ? 10 DG  A N3    1 
ATOM   203 C  C4    . DG  A 1 10 ? -9.556  -12.788 2.242   1.00 16.49 ? 10 DG  A C4    1 
HETATM 204 CA CA    . CA  B 2 .  ? 3.375   -2.913  -5.168  0.50 20.92 ? 11 CA  A CA    1 
HETATM 205 CA CA    . CA  C 2 .  ? 5.656   -9.539  2.178   0.50 8.99  ? 14 CA  A CA    1 
HETATM 206 NA NA    . NA  D 3 .  ? 9.895   -0.701  -7.721  1.00 7.49  ? 15 NA  A NA    1 
HETATM 207 O  O     . HOH E 4 .  ? 4.499   13.903  -5.995  1.00 4.39  ? 12 HOH A O     1 
HETATM 208 O  O     . HOH E 4 .  ? 8.417   8.092   -4.811  1.00 6.63  ? 13 HOH A O     1 
HETATM 209 O  O     . HOH E 4 .  ? -4.223  -8.092  12.494  1.00 21.84 ? 16 HOH A O     1 
HETATM 210 O  O     . HOH E 4 .  ? -1.868  14.417  3.401   1.00 9.94  ? 17 HOH A O     1 
HETATM 211 O  O     . HOH E 4 .  ? 1.841   -10.111 1.183   1.00 12.63 ? 18 HOH A O     1 
HETATM 212 O  O     . HOH E 4 .  ? 6.756   2.312   0.205   1.00 13.89 ? 19 HOH A O     1 
HETATM 213 O  O     . HOH E 4 .  ? 1.453   -3.850  -2.856  1.00 10.48 ? 20 HOH A O     1 
HETATM 214 O  O     . HOH E 4 .  ? 3.709   11.185  -5.368  1.00 23.35 ? 21 HOH A O     1 
HETATM 215 O  O     . HOH E 4 .  ? 10.267  -5.331  0.019   1.00 12.41 ? 22 HOH A O     1 
HETATM 216 O  O     . HOH E 4 .  ? 2.895   -9.618  4.166   1.00 21.89 ? 23 HOH A O     1 
HETATM 217 O  O     . HOH E 4 .  ? 10.036  6.152   -16.904 1.00 25.84 ? 24 HOH A O     1 
HETATM 218 O  O     . HOH E 4 .  ? -2.829  12.094  0.920   1.00 18.01 ? 25 HOH A O     1 
HETATM 219 O  O     . HOH E 4 .  ? -5.479  -16.078 6.026   1.00 36.96 ? 26 HOH A O     1 
HETATM 220 O  O     . HOH E 4 .  ? 8.812   7.854   -2.620  1.00 8.85  ? 27 HOH A O     1 
HETATM 221 O  O     . HOH E 4 .  ? 3.562   -8.466  1.853   1.00 18.31 ? 28 HOH A O     1 
HETATM 222 O  O     . HOH E 4 .  ? -0.250  5.620   -9.995  1.00 7.43  ? 29 HOH A O     1 
HETATM 223 O  O     . HOH E 4 .  ? 1.629   16.952  -3.834  1.00 13.54 ? 30 HOH A O     1 
HETATM 224 O  O     . HOH E 4 .  ? 9.261   -2.380  -7.707  1.00 20.32 ? 31 HOH A O     1 
HETATM 225 O  O     . HOH E 4 .  ? -3.187  -16.379 7.217   0.50 18.98 ? 32 HOH A O     1 
HETATM 226 O  O     . HOH E 4 .  ? -4.291  12.108  -5.946  1.00 25.30 ? 33 HOH A O     1 
HETATM 227 O  O     . HOH E 4 .  ? 4.889   -11.034 8.418   1.00 22.98 ? 34 HOH A O     1 
HETATM 228 O  O     . HOH E 4 .  ? 7.650   5.899   -4.374  1.00 23.78 ? 35 HOH A O     1 
HETATM 229 O  O     . HOH E 4 .  ? 10.485  1.486   -6.195  1.00 22.58 ? 36 HOH A O     1 
HETATM 230 O  O     . HOH E 4 .  ? 5.050   -5.953  -1.101  1.00 37.03 ? 37 HOH A O     1 
HETATM 231 O  O     . HOH E 4 .  ? 0.816   2.094   -7.050  1.00 24.06 ? 38 HOH A O     1 
HETATM 232 O  O     . HOH E 4 .  ? 9.014   4.443   -5.063  1.00 36.03 ? 41 HOH A O     1 
HETATM 233 O  O     . HOH E 4 .  ? -0.050  -2.381  -3.751  1.00 17.71 ? 42 HOH A O     1 
HETATM 234 O  O     . HOH E 4 .  ? -14.618 -11.095 10.446  1.00 23.82 ? 43 HOH A O     1 
HETATM 235 O  O     . HOH E 4 .  ? 2.996   11.994  -10.368 1.00 27.29 ? 44 HOH A O     1 
HETATM 236 O  O     . HOH E 4 .  ? 3.960   -0.231  -5.857  1.00 35.98 ? 45 HOH A O     1 
HETATM 237 O  O     . HOH E 4 .  ? 5.897   6.652   -17.109 1.00 30.44 ? 46 HOH A O     1 
HETATM 238 O  O     . HOH E 4 .  ? -0.169  12.955  -8.892  1.00 26.21 ? 47 HOH A O     1 
HETATM 239 O  O     . HOH E 4 .  ? 2.336   14.457  -4.587  1.00 36.32 ? 48 HOH A O     1 
HETATM 240 O  O     . HOH E 4 .  ? 5.369   -0.150  0.923   1.00 23.34 ? 49 HOH A O     1 
HETATM 241 O  O     . HOH E 4 .  ? 6.063   2.185   -10.163 1.00 21.87 ? 50 HOH A O     1 
HETATM 242 O  O     . HOH E 4 .  ? 6.676   3.042   -14.443 1.00 26.86 ? 51 HOH A O     1 
HETATM 243 O  O     . HOH E 4 .  ? 7.661   -0.020  -13.895 1.00 25.74 ? 52 HOH A O     1 
HETATM 244 O  O     . HOH E 4 .  ? -7.256  -12.589 9.233   1.00 49.09 ? 53 HOH A O     1 
HETATM 245 O  O     . HOH E 4 .  ? -13.202 -11.669 13.136  1.00 34.14 ? 54 HOH A O     1 
HETATM 246 O  O     . HOH E 4 .  ? 1.402   12.789  -6.646  1.00 35.13 ? 55 HOH A O     1 
# 
loop_
_pdbx_poly_seq_scheme.asym_id 
_pdbx_poly_seq_scheme.entity_id 
_pdbx_poly_seq_scheme.seq_id 
_pdbx_poly_seq_scheme.mon_id 
_pdbx_poly_seq_scheme.ndb_seq_num 
_pdbx_poly_seq_scheme.pdb_seq_num 
_pdbx_poly_seq_scheme.auth_seq_num 
_pdbx_poly_seq_scheme.pdb_mon_id 
_pdbx_poly_seq_scheme.auth_mon_id 
_pdbx_poly_seq_scheme.pdb_strand_id 
_pdbx_poly_seq_scheme.pdb_ins_code 
_pdbx_poly_seq_scheme.hetero 
A 1 1  DC  1  1  1  DC  C   A . n 
A 1 2  DC  2  2  2  DC  C   A . n 
A 1 3  1AP 3  3  3  1AP DAP A . n 
A 1 4  DG  4  4  4  DG  G   A . n 
A 1 5  DT  5  5  5  DT  T   A . n 
A 1 6  DA  6  6  6  DA  A   A . n 
A 1 7  DC  7  7  7  DC  C   A . n 
A 1 8  DT  8  8  8  DT  T   A . n 
A 1 9  DG  9  9  9  DG  G   A . n 
A 1 10 DG  10 10 10 DG  G   A . n 
# 
loop_
_pdbx_nonpoly_scheme.asym_id 
_pdbx_nonpoly_scheme.entity_id 
_pdbx_nonpoly_scheme.mon_id 
_pdbx_nonpoly_scheme.ndb_seq_num 
_pdbx_nonpoly_scheme.pdb_seq_num 
_pdbx_nonpoly_scheme.auth_seq_num 
_pdbx_nonpoly_scheme.pdb_mon_id 
_pdbx_nonpoly_scheme.auth_mon_id 
_pdbx_nonpoly_scheme.pdb_strand_id 
_pdbx_nonpoly_scheme.pdb_ins_code 
B 2 CA  1  11 11 CA  CA  A . 
C 2 CA  1  14 14 CA  CA  A . 
D 3 NA  1  15 15 NA  NA  A . 
E 4 HOH 1  12 12 HOH WAT A . 
E 4 HOH 2  13 13 HOH WAT A . 
E 4 HOH 3  16 16 HOH WAT A . 
E 4 HOH 4  17 17 HOH WAT A . 
E 4 HOH 5  18 18 HOH WAT A . 
E 4 HOH 6  19 19 HOH WAT A . 
E 4 HOH 7  20 20 HOH WAT A . 
E 4 HOH 8  21 21 HOH WAT A . 
E 4 HOH 9  22 22 HOH WAT A . 
E 4 HOH 10 23 23 HOH WAT A . 
E 4 HOH 11 24 24 HOH WAT A . 
E 4 HOH 12 25 25 HOH WAT A . 
E 4 HOH 13 26 26 HOH WAT A . 
E 4 HOH 14 27 27 HOH WAT A . 
E 4 HOH 15 28 28 HOH WAT A . 
E 4 HOH 16 29 29 HOH WAT A . 
E 4 HOH 17 30 30 HOH WAT A . 
E 4 HOH 18 31 31 HOH WAT A . 
E 4 HOH 19 32 32 HOH WAT A . 
E 4 HOH 20 33 33 HOH WAT A . 
E 4 HOH 21 34 34 HOH WAT A . 
E 4 HOH 22 35 35 HOH WAT A . 
E 4 HOH 23 36 36 HOH WAT A . 
E 4 HOH 24 37 37 HOH WAT A . 
E 4 HOH 25 38 38 HOH WAT A . 
E 4 HOH 26 41 41 HOH WAT A . 
E 4 HOH 27 42 42 HOH WAT A . 
E 4 HOH 28 43 43 HOH WAT A . 
E 4 HOH 29 44 44 HOH WAT A . 
E 4 HOH 30 45 45 HOH WAT A . 
E 4 HOH 31 46 46 HOH WAT A . 
E 4 HOH 32 47 47 HOH WAT A . 
E 4 HOH 33 48 48 HOH WAT A . 
E 4 HOH 34 49 49 HOH WAT A . 
E 4 HOH 35 50 50 HOH WAT A . 
E 4 HOH 36 51 51 HOH WAT A . 
E 4 HOH 37 52 52 HOH WAT A . 
E 4 HOH 38 53 53 HOH WAT A . 
E 4 HOH 39 54 54 HOH WAT A . 
E 4 HOH 40 55 55 HOH WAT A . 
# 
_pdbx_struct_mod_residue.id               1 
_pdbx_struct_mod_residue.label_asym_id    A 
_pdbx_struct_mod_residue.label_comp_id    1AP 
_pdbx_struct_mod_residue.label_seq_id     3 
_pdbx_struct_mod_residue.auth_asym_id     A 
_pdbx_struct_mod_residue.auth_comp_id     1AP 
_pdbx_struct_mod_residue.auth_seq_id      3 
_pdbx_struct_mod_residue.PDB_ins_code     ? 
_pdbx_struct_mod_residue.parent_comp_id   DA 
_pdbx_struct_mod_residue.details          '2,6-DIAMINOPURINE NUCLEOTIDE' 
# 
_pdbx_struct_assembly.id                   1 
_pdbx_struct_assembly.details              author_defined_assembly 
_pdbx_struct_assembly.method_details       ? 
_pdbx_struct_assembly.oligomeric_details   dimeric 
_pdbx_struct_assembly.oligomeric_count     2 
# 
_pdbx_struct_assembly_gen.assembly_id       1 
_pdbx_struct_assembly_gen.oper_expression   1,2 
_pdbx_struct_assembly_gen.asym_id_list      A,B,C,D,E 
# 
loop_
_pdbx_struct_oper_list.id 
_pdbx_struct_oper_list.type 
_pdbx_struct_oper_list.name 
_pdbx_struct_oper_list.symmetry_operation 
_pdbx_struct_oper_list.matrix[1][1] 
_pdbx_struct_oper_list.matrix[1][2] 
_pdbx_struct_oper_list.matrix[1][3] 
_pdbx_struct_oper_list.vector[1] 
_pdbx_struct_oper_list.matrix[2][1] 
_pdbx_struct_oper_list.matrix[2][2] 
_pdbx_struct_oper_list.matrix[2][3] 
_pdbx_struct_oper_list.vector[2] 
_pdbx_struct_oper_list.matrix[3][1] 
_pdbx_struct_oper_list.matrix[3][2] 
_pdbx_struct_oper_list.matrix[3][3] 
_pdbx_struct_oper_list.vector[3] 
1 'identity operation'         1_555  x,y,z          1.0000000000  0.0000000000  0.0000000000 0.0000000000  0.0000000000  1.0000000000  0.0000000000  0.0000000000 0.0000000000 0.0000000000  1.0000000000 0.0000000000 
2 'crystal symmetry operation' 12_545 x,x-y-1,-z+1/6 -0.5374948372 -0.2080338160 0.8172032987 -1.4434334955 -0.2080338160 -0.9064268422 -0.3675762658 1.1598744651 0.8172032987 -0.3675762658 0.4439216794 1.1121939377 
# 
loop_
_pdbx_struct_special_symmetry.id 
_pdbx_struct_special_symmetry.PDB_model_num 
_pdbx_struct_special_symmetry.auth_asym_id 
_pdbx_struct_special_symmetry.auth_comp_id 
_pdbx_struct_special_symmetry.auth_seq_id 
_pdbx_struct_special_symmetry.PDB_ins_code 
_pdbx_struct_special_symmetry.label_asym_id 
_pdbx_struct_special_symmetry.label_comp_id 
_pdbx_struct_special_symmetry.label_seq_id 
1 1 A CA  11 ? B CA  . 
2 1 A CA  14 ? C CA  . 
3 1 A HOH 32 ? E HOH . 
# 
loop_
_pdbx_struct_conn_angle.id 
_pdbx_struct_conn_angle.ptnr1_label_atom_id 
_pdbx_struct_conn_angle.ptnr1_label_alt_id 
_pdbx_struct_conn_angle.ptnr1_label_asym_id 
_pdbx_struct_conn_angle.ptnr1_label_comp_id 
_pdbx_struct_conn_angle.ptnr1_label_seq_id 
_pdbx_struct_conn_angle.ptnr1_auth_atom_id 
_pdbx_struct_conn_angle.ptnr1_auth_asym_id 
_pdbx_struct_conn_angle.ptnr1_auth_comp_id 
_pdbx_struct_conn_angle.ptnr1_auth_seq_id 
_pdbx_struct_conn_angle.ptnr1_PDB_ins_code 
_pdbx_struct_conn_angle.ptnr1_symmetry 
_pdbx_struct_conn_angle.ptnr2_label_atom_id 
_pdbx_struct_conn_angle.ptnr2_label_alt_id 
_pdbx_struct_conn_angle.ptnr2_label_asym_id 
_pdbx_struct_conn_angle.ptnr2_label_comp_id 
_pdbx_struct_conn_angle.ptnr2_label_seq_id 
_pdbx_struct_conn_angle.ptnr2_auth_atom_id 
_pdbx_struct_conn_angle.ptnr2_auth_asym_id 
_pdbx_struct_conn_angle.ptnr2_auth_comp_id 
_pdbx_struct_conn_angle.ptnr2_auth_seq_id 
_pdbx_struct_conn_angle.ptnr2_PDB_ins_code 
_pdbx_struct_conn_angle.ptnr2_symmetry 
_pdbx_struct_conn_angle.ptnr3_label_atom_id 
_pdbx_struct_conn_angle.ptnr3_label_alt_id 
_pdbx_struct_conn_angle.ptnr3_label_asym_id 
_pdbx_struct_conn_angle.ptnr3_label_comp_id 
_pdbx_struct_conn_angle.ptnr3_label_seq_id 
_pdbx_struct_conn_angle.ptnr3_auth_atom_id 
_pdbx_struct_conn_angle.ptnr3_auth_asym_id 
_pdbx_struct_conn_angle.ptnr3_auth_comp_id 
_pdbx_struct_conn_angle.ptnr3_auth_seq_id 
_pdbx_struct_conn_angle.ptnr3_PDB_ins_code 
_pdbx_struct_conn_angle.ptnr3_symmetry 
_pdbx_struct_conn_angle.value 
_pdbx_struct_conn_angle.value_esd 
1  OP1 ? A DT  5 ? A DT  5  ? 1_555 NA ? D NA . ? A NA 15 ? 1_555 O   ? E HOH . ? A HOH 31 ? 1_555 101.0 ? 
2  OP1 ? A DT  5 ? A DT  5  ? 1_555 NA ? D NA . ? A NA 15 ? 1_555 O   ? E HOH . ? A HOH 36 ? 1_555 57.7  ? 
3  O   ? E HOH . ? A HOH 31 ? 1_555 NA ? D NA . ? A NA 15 ? 1_555 O   ? E HOH . ? A HOH 36 ? 1_555 145.2 ? 
4  OP2 ? A DC  7 ? A DC  7  ? 1_555 CA ? C CA . ? A CA 14 ? 1_555 OP2 ? A DC  7 ? A DC  7  ? 8_555 169.6 ? 
5  OP2 ? A DC  7 ? A DC  7  ? 1_555 CA ? C CA . ? A CA 14 ? 1_555 O   ? E HOH . ? A HOH 23 ? 8_555 105.6 ? 
6  OP2 ? A DC  7 ? A DC  7  ? 8_555 CA ? C CA . ? A CA 14 ? 1_555 O   ? E HOH . ? A HOH 23 ? 8_555 72.0  ? 
7  OP2 ? A DC  7 ? A DC  7  ? 1_555 CA ? C CA . ? A CA 14 ? 1_555 O   ? E HOH . ? A HOH 28 ? 1_555 81.5  ? 
8  OP2 ? A DC  7 ? A DC  7  ? 8_555 CA ? C CA . ? A CA 14 ? 1_555 O   ? E HOH . ? A HOH 28 ? 1_555 104.3 ? 
9  O   ? E HOH . ? A HOH 23 ? 8_555 CA ? C CA . ? A CA 14 ? 1_555 O   ? E HOH . ? A HOH 28 ? 1_555 159.0 ? 
10 OP2 ? A DC  7 ? A DC  7  ? 1_555 CA ? C CA . ? A CA 14 ? 1_555 O   ? E HOH . ? A HOH 28 ? 8_555 102.5 ? 
11 OP2 ? A DC  7 ? A DC  7  ? 8_555 CA ? C CA . ? A CA 14 ? 1_555 O   ? E HOH . ? A HOH 28 ? 8_555 84.2  ? 
12 O   ? E HOH . ? A HOH 23 ? 8_555 CA ? C CA . ? A CA 14 ? 1_555 O   ? E HOH . ? A HOH 28 ? 8_555 52.3  ? 
13 O   ? E HOH . ? A HOH 28 ? 1_555 CA ? C CA . ? A CA 14 ? 1_555 O   ? E HOH . ? A HOH 28 ? 8_555 107.2 ? 
14 O   ? E HOH . ? A HOH 20 ? 1_555 CA ? B CA . ? A CA 11 ? 1_555 O   ? E HOH . ? A HOH 20 ? 8_555 107.8 ? 
15 O   ? E HOH . ? A HOH 20 ? 1_555 CA ? B CA . ? A CA 11 ? 1_555 O   ? E HOH . ? A HOH 45 ? 1_555 125.9 ? 
16 O   ? E HOH . ? A HOH 20 ? 8_555 CA ? B CA . ? A CA 11 ? 1_555 O   ? E HOH . ? A HOH 45 ? 1_555 107.2 ? 
17 O   ? E HOH . ? A HOH 20 ? 1_555 CA ? B CA . ? A CA 11 ? 1_555 O   ? E HOH . ? A HOH 45 ? 8_555 107.6 ? 
18 O   ? E HOH . ? A HOH 20 ? 8_555 CA ? B CA . ? A CA 11 ? 1_555 O   ? E HOH . ? A HOH 45 ? 8_555 124.7 ? 
19 O   ? E HOH . ? A HOH 45 ? 1_555 CA ? B CA . ? A CA 11 ? 1_555 O   ? E HOH . ? A HOH 45 ? 8_555 83.8  ? 
# 
loop_
_pdbx_audit_revision_history.ordinal 
_pdbx_audit_revision_history.data_content_type 
_pdbx_audit_revision_history.major_revision 
_pdbx_audit_revision_history.minor_revision 
_pdbx_audit_revision_history.revision_date 
1 'Structure model' 1 0 2004-08-31 
2 'Structure model' 1 1 2008-04-29 
3 'Structure model' 1 2 2011-07-13 
4 'Structure model' 2 0 2023-08-23 
# 
_pdbx_audit_revision_details.ordinal             1 
_pdbx_audit_revision_details.revision_ordinal    1 
_pdbx_audit_revision_details.data_content_type   'Structure model' 
_pdbx_audit_revision_details.provider            repository 
_pdbx_audit_revision_details.type                'Initial release' 
_pdbx_audit_revision_details.description         ? 
_pdbx_audit_revision_details.details             ? 
# 
loop_
_pdbx_audit_revision_group.ordinal 
_pdbx_audit_revision_group.revision_ordinal 
_pdbx_audit_revision_group.data_content_type 
_pdbx_audit_revision_group.group 
1 2 'Structure model' 'Version format compliance' 
2 3 'Structure model' 'Version format compliance' 
3 4 'Structure model' 'Atomic model'              
4 4 'Structure model' 'Data collection'           
5 4 'Structure model' 'Database references'       
6 4 'Structure model' 'Derived calculations'      
7 4 'Structure model' 'Refinement description'    
# 
loop_
_pdbx_audit_revision_category.ordinal 
_pdbx_audit_revision_category.revision_ordinal 
_pdbx_audit_revision_category.data_content_type 
_pdbx_audit_revision_category.category 
1 4 'Structure model' atom_site                     
2 4 'Structure model' chem_comp_atom                
3 4 'Structure model' chem_comp_bond                
4 4 'Structure model' database_2                    
5 4 'Structure model' pdbx_initial_refinement_model 
6 4 'Structure model' pdbx_struct_conn_angle        
7 4 'Structure model' struct_conn                   
8 4 'Structure model' struct_site                   
# 
loop_
_pdbx_audit_revision_item.ordinal 
_pdbx_audit_revision_item.revision_ordinal 
_pdbx_audit_revision_item.data_content_type 
_pdbx_audit_revision_item.item 
1  4 'Structure model' '_atom_site.occupancy'                        
2  4 'Structure model' '_database_2.pdbx_DOI'                        
3  4 'Structure model' '_database_2.pdbx_database_accession'         
4  4 'Structure model' '_pdbx_struct_conn_angle.ptnr1_auth_comp_id'  
5  4 'Structure model' '_pdbx_struct_conn_angle.ptnr1_auth_seq_id'   
6  4 'Structure model' '_pdbx_struct_conn_angle.ptnr1_label_asym_id' 
7  4 'Structure model' '_pdbx_struct_conn_angle.ptnr1_label_atom_id' 
8  4 'Structure model' '_pdbx_struct_conn_angle.ptnr1_label_comp_id' 
9  4 'Structure model' '_pdbx_struct_conn_angle.ptnr1_label_seq_id'  
10 4 'Structure model' '_pdbx_struct_conn_angle.ptnr1_symmetry'      
11 4 'Structure model' '_pdbx_struct_conn_angle.ptnr2_auth_comp_id'  
12 4 'Structure model' '_pdbx_struct_conn_angle.ptnr2_auth_seq_id'   
13 4 'Structure model' '_pdbx_struct_conn_angle.ptnr2_label_asym_id' 
14 4 'Structure model' '_pdbx_struct_conn_angle.ptnr2_label_atom_id' 
15 4 'Structure model' '_pdbx_struct_conn_angle.ptnr2_label_comp_id' 
16 4 'Structure model' '_pdbx_struct_conn_angle.ptnr3_auth_comp_id'  
17 4 'Structure model' '_pdbx_struct_conn_angle.ptnr3_auth_seq_id'   
18 4 'Structure model' '_pdbx_struct_conn_angle.ptnr3_label_asym_id' 
19 4 'Structure model' '_pdbx_struct_conn_angle.ptnr3_label_atom_id' 
20 4 'Structure model' '_pdbx_struct_conn_angle.ptnr3_label_comp_id' 
21 4 'Structure model' '_pdbx_struct_conn_angle.ptnr3_label_seq_id'  
22 4 'Structure model' '_pdbx_struct_conn_angle.ptnr3_symmetry'      
23 4 'Structure model' '_pdbx_struct_conn_angle.value'               
24 4 'Structure model' '_struct_conn.pdbx_dist_value'                
25 4 'Structure model' '_struct_conn.pdbx_leaving_atom_flag'         
26 4 'Structure model' '_struct_conn.ptnr1_auth_comp_id'             
27 4 'Structure model' '_struct_conn.ptnr1_auth_seq_id'              
28 4 'Structure model' '_struct_conn.ptnr1_label_asym_id'            
29 4 'Structure model' '_struct_conn.ptnr1_label_atom_id'            
30 4 'Structure model' '_struct_conn.ptnr1_label_comp_id'            
31 4 'Structure model' '_struct_conn.ptnr1_label_seq_id'             
32 4 'Structure model' '_struct_conn.ptnr1_symmetry'                 
33 4 'Structure model' '_struct_conn.ptnr2_auth_comp_id'             
34 4 'Structure model' '_struct_conn.ptnr2_auth_seq_id'              
35 4 'Structure model' '_struct_conn.ptnr2_label_asym_id'            
36 4 'Structure model' '_struct_conn.ptnr2_label_atom_id'            
37 4 'Structure model' '_struct_conn.ptnr2_label_comp_id'            
38 4 'Structure model' '_struct_conn.ptnr2_label_seq_id'             
39 4 'Structure model' '_struct_conn.ptnr2_symmetry'                 
40 4 'Structure model' '_struct_site.pdbx_auth_asym_id'              
41 4 'Structure model' '_struct_site.pdbx_auth_comp_id'              
42 4 'Structure model' '_struct_site.pdbx_auth_seq_id'               
# 
loop_
_software.name 
_software.classification 
_software.version 
_software.citation_id 
_software.pdbx_ordinal 
DENZO     'data reduction' .   ? 1 
SCALEPACK 'data scaling'   .   ? 2 
EPMR      phasing          .   ? 3 
CNS       refinement       1.0 ? 4 
# 
_pdbx_database_remark.id     300 
_pdbx_database_remark.text   
;BIOMOLECULE: 1
THIS ENTRY CONTAINS THE CRYSTALLOGRAPHIC ASYMMETRIC UNIT  
WHICH CONSISTS OF 1 CHAIN(S). THE FULL BIOLOGICAL UNIT
CONSISTS OF TWO STRANDS FORMING A B-DNA DUPLEX STRUCTURE.
SEE REMARK 350 FOR INFORMATION ON GENERATING THE BIOLOGICAL 
MOLECULE(S).
;
# 
loop_
_pdbx_validate_close_contact.id 
_pdbx_validate_close_contact.PDB_model_num 
_pdbx_validate_close_contact.auth_atom_id_1 
_pdbx_validate_close_contact.auth_asym_id_1 
_pdbx_validate_close_contact.auth_comp_id_1 
_pdbx_validate_close_contact.auth_seq_id_1 
_pdbx_validate_close_contact.PDB_ins_code_1 
_pdbx_validate_close_contact.label_alt_id_1 
_pdbx_validate_close_contact.auth_atom_id_2 
_pdbx_validate_close_contact.auth_asym_id_2 
_pdbx_validate_close_contact.auth_comp_id_2 
_pdbx_validate_close_contact.auth_seq_id_2 
_pdbx_validate_close_contact.PDB_ins_code_2 
_pdbx_validate_close_contact.label_alt_id_2 
_pdbx_validate_close_contact.dist 
1 1 "O4'" A DC  2  ? ? O A HOH 48 ? ? 2.03 
2 1 OP2   A DA  6  ? ? O A HOH 37 ? ? 2.04 
3 1 O2    A DT  5  ? ? O A HOH 49 ? ? 2.10 
4 1 OP1   A DG  9  ? ? O A HOH 16 ? ? 2.11 
5 1 O     A HOH 35 ? ? O A HOH 41 ? ? 2.11 
# 
_pdbx_validate_symm_contact.id                1 
_pdbx_validate_symm_contact.PDB_model_num     1 
_pdbx_validate_symm_contact.auth_atom_id_1    O 
_pdbx_validate_symm_contact.auth_asym_id_1    A 
_pdbx_validate_symm_contact.auth_comp_id_1    HOH 
_pdbx_validate_symm_contact.auth_seq_id_1     37 
_pdbx_validate_symm_contact.PDB_ins_code_1    ? 
_pdbx_validate_symm_contact.label_alt_id_1    ? 
_pdbx_validate_symm_contact.site_symmetry_1   1_555 
_pdbx_validate_symm_contact.auth_atom_id_2    O 
_pdbx_validate_symm_contact.auth_asym_id_2    A 
_pdbx_validate_symm_contact.auth_comp_id_2    HOH 
_pdbx_validate_symm_contact.auth_seq_id_2     37 
_pdbx_validate_symm_contact.PDB_ins_code_2    ? 
_pdbx_validate_symm_contact.label_alt_id_2    ? 
_pdbx_validate_symm_contact.site_symmetry_2   8_555 
_pdbx_validate_symm_contact.dist              1.34 
# 
loop_
_pdbx_validate_rmsd_bond.id 
_pdbx_validate_rmsd_bond.PDB_model_num 
_pdbx_validate_rmsd_bond.auth_atom_id_1 
_pdbx_validate_rmsd_bond.auth_asym_id_1 
_pdbx_validate_rmsd_bond.auth_comp_id_1 
_pdbx_validate_rmsd_bond.auth_seq_id_1 
_pdbx_validate_rmsd_bond.PDB_ins_code_1 
_pdbx_validate_rmsd_bond.label_alt_id_1 
_pdbx_validate_rmsd_bond.auth_atom_id_2 
_pdbx_validate_rmsd_bond.auth_asym_id_2 
_pdbx_validate_rmsd_bond.auth_comp_id_2 
_pdbx_validate_rmsd_bond.auth_seq_id_2 
_pdbx_validate_rmsd_bond.PDB_ins_code_2 
_pdbx_validate_rmsd_bond.label_alt_id_2 
_pdbx_validate_rmsd_bond.bond_value 
_pdbx_validate_rmsd_bond.bond_target_value 
_pdbx_validate_rmsd_bond.bond_deviation 
_pdbx_validate_rmsd_bond.bond_standard_deviation 
_pdbx_validate_rmsd_bond.linker_flag 
1  1 "C3'" A DC 1  ? ? "C2'" A DC 1  ? ? 1.463 1.516 -0.053 0.008 N 
2  1 "C2'" A DC 1  ? ? "C1'" A DC 1  ? ? 1.606 1.519 0.087  0.010 N 
3  1 C4    A DC 1  ? ? C5    A DC 1  ? ? 1.478 1.425 0.053  0.008 N 
4  1 C5    A DC 1  ? ? C6    A DC 1  ? ? 1.464 1.339 0.125  0.008 N 
5  1 P     A DC 2  ? ? OP2   A DC 2  ? ? 1.600 1.485 0.115  0.017 N 
6  1 "C3'" A DC 2  ? ? "C2'" A DC 2  ? ? 1.468 1.516 -0.048 0.008 N 
7  1 C4    A DC 2  ? ? N4    A DC 2  ? ? 1.441 1.335 0.106  0.009 N 
8  1 N1    A DC 2  ? ? C2    A DC 2  ? ? 1.480 1.397 0.083  0.010 N 
9  1 C5    A DC 2  ? ? C6    A DC 2  ? ? 1.288 1.339 -0.051 0.008 N 
10 1 P     A DG 4  ? ? "O5'" A DG 4  ? ? 1.663 1.593 0.070  0.010 N 
11 1 "O3'" A DG 4  ? ? "C3'" A DG 4  ? ? 1.298 1.419 -0.121 0.006 N 
12 1 C2    A DG 4  ? ? N3    A DG 4  ? ? 1.382 1.323 0.059  0.008 N 
13 1 C4    A DG 4  ? ? C5    A DG 4  ? ? 1.296 1.379 -0.083 0.007 N 
14 1 C8    A DG 4  ? ? N9    A DG 4  ? ? 1.279 1.374 -0.095 0.007 N 
15 1 "O3'" A DG 4  ? ? P     A DT 5  ? ? 1.526 1.607 -0.081 0.012 Y 
16 1 "C2'" A DT 5  ? ? "C1'" A DT 5  ? ? 1.634 1.519 0.115  0.010 N 
17 1 "O3'" A DT 5  ? ? "C3'" A DT 5  ? ? 1.255 1.419 -0.164 0.006 N 
18 1 "C1'" A DT 5  ? ? N1    A DT 5  ? ? 1.594 1.488 0.106  0.013 N 
19 1 C2    A DT 5  ? ? N3    A DT 5  ? ? 1.296 1.373 -0.077 0.008 N 
20 1 C4    A DT 5  ? ? C5    A DT 5  ? ? 1.343 1.445 -0.102 0.009 N 
21 1 C6    A DT 5  ? ? N1    A DT 5  ? ? 1.429 1.378 0.051  0.007 N 
22 1 C2    A DT 5  ? ? O2    A DT 5  ? ? 1.310 1.220 0.090  0.008 N 
23 1 C4    A DT 5  ? ? O4    A DT 5  ? ? 1.154 1.228 -0.074 0.009 N 
24 1 C5    A DT 5  ? ? C7    A DT 5  ? ? 1.453 1.496 -0.043 0.006 N 
25 1 P     A DA 6  ? ? OP1   A DA 6  ? ? 1.286 1.485 -0.199 0.017 N 
26 1 P     A DA 6  ? ? OP2   A DA 6  ? ? 1.620 1.485 0.135  0.017 N 
27 1 P     A DA 6  ? ? "O5'" A DA 6  ? ? 1.532 1.593 -0.061 0.010 N 
28 1 C2    A DA 6  ? ? N3    A DA 6  ? ? 1.251 1.331 -0.080 0.009 N 
29 1 N3    A DA 6  ? ? C4    A DA 6  ? ? 1.306 1.344 -0.038 0.006 N 
30 1 C5    A DA 6  ? ? C6    A DA 6  ? ? 1.530 1.406 0.124  0.009 N 
31 1 C6    A DA 6  ? ? N6    A DA 6  ? ? 1.173 1.335 -0.162 0.008 N 
32 1 P     A DC 7  ? ? "O5'" A DC 7  ? ? 1.484 1.593 -0.109 0.010 N 
33 1 C2    A DC 7  ? ? O2    A DC 7  ? ? 1.180 1.240 -0.060 0.009 N 
34 1 C4    A DC 7  ? ? N4    A DC 7  ? ? 1.247 1.335 -0.088 0.009 N 
35 1 N1    A DC 7  ? ? C6    A DC 7  ? ? 1.294 1.367 -0.073 0.006 N 
36 1 "O3'" A DC 7  ? ? P     A DT 8  ? ? 1.739 1.607 0.132  0.012 Y 
37 1 P     A DT 8  ? ? OP2   A DT 8  ? ? 1.661 1.485 0.176  0.017 N 
38 1 "C2'" A DT 8  ? ? "C1'" A DT 8  ? ? 1.408 1.518 -0.110 0.010 N 
39 1 "O4'" A DT 8  ? ? "C4'" A DT 8  ? ? 1.331 1.446 -0.115 0.010 N 
40 1 "O3'" A DT 8  ? ? "C3'" A DT 8  ? ? 1.379 1.419 -0.040 0.006 N 
41 1 C5    A DT 8  ? ? C6    A DT 8  ? ? 1.260 1.339 -0.079 0.007 N 
42 1 C2    A DT 8  ? ? O2    A DT 8  ? ? 1.101 1.220 -0.119 0.008 N 
43 1 C5    A DT 8  ? ? C7    A DT 8  ? ? 1.404 1.496 -0.092 0.006 N 
44 1 P     A DG 9  ? ? OP1   A DG 9  ? ? 1.357 1.485 -0.128 0.017 N 
45 1 P     A DG 9  ? ? OP2   A DG 9  ? ? 1.342 1.485 -0.143 0.017 N 
46 1 C2    A DG 9  ? ? N3    A DG 9  ? ? 1.414 1.323 0.091  0.008 N 
47 1 N3    A DG 9  ? ? C4    A DG 9  ? ? 1.282 1.350 -0.068 0.007 N 
48 1 C6    A DG 9  ? ? N1    A DG 9  ? ? 1.335 1.391 -0.056 0.007 N 
49 1 C2    A DG 9  ? ? N2    A DG 9  ? ? 1.490 1.341 0.149  0.010 N 
50 1 C6    A DG 9  ? ? O6    A DG 9  ? ? 1.146 1.237 -0.091 0.009 N 
51 1 P     A DG 10 ? ? "O5'" A DG 10 ? ? 1.499 1.593 -0.094 0.010 N 
52 1 "O4'" A DG 10 ? ? "C1'" A DG 10 ? ? 1.496 1.420 0.076  0.011 N 
53 1 "O3'" A DG 10 ? ? "C3'" A DG 10 ? ? 1.307 1.419 -0.112 0.006 N 
54 1 N3    A DG 10 ? ? C4    A DG 10 ? ? 1.494 1.350 0.144  0.007 N 
55 1 C5    A DG 10 ? ? C6    A DG 10 ? ? 1.347 1.419 -0.072 0.010 N 
56 1 C6    A DG 10 ? ? N1    A DG 10 ? ? 1.331 1.391 -0.060 0.007 N 
57 1 C5    A DG 10 ? ? N7    A DG 10 ? ? 1.343 1.388 -0.045 0.006 N 
58 1 N9    A DG 10 ? ? C4    A DG 10 ? ? 1.424 1.375 0.049  0.008 N 
59 1 C2    A DG 10 ? ? N2    A DG 10 ? ? 1.425 1.341 0.084  0.010 N 
# 
loop_
_pdbx_validate_rmsd_angle.id 
_pdbx_validate_rmsd_angle.PDB_model_num 
_pdbx_validate_rmsd_angle.auth_atom_id_1 
_pdbx_validate_rmsd_angle.auth_asym_id_1 
_pdbx_validate_rmsd_angle.auth_comp_id_1 
_pdbx_validate_rmsd_angle.auth_seq_id_1 
_pdbx_validate_rmsd_angle.PDB_ins_code_1 
_pdbx_validate_rmsd_angle.label_alt_id_1 
_pdbx_validate_rmsd_angle.auth_atom_id_2 
_pdbx_validate_rmsd_angle.auth_asym_id_2 
_pdbx_validate_rmsd_angle.auth_comp_id_2 
_pdbx_validate_rmsd_angle.auth_seq_id_2 
_pdbx_validate_rmsd_angle.PDB_ins_code_2 
_pdbx_validate_rmsd_angle.label_alt_id_2 
_pdbx_validate_rmsd_angle.auth_atom_id_3 
_pdbx_validate_rmsd_angle.auth_asym_id_3 
_pdbx_validate_rmsd_angle.auth_comp_id_3 
_pdbx_validate_rmsd_angle.auth_seq_id_3 
_pdbx_validate_rmsd_angle.PDB_ins_code_3 
_pdbx_validate_rmsd_angle.label_alt_id_3 
_pdbx_validate_rmsd_angle.angle_value 
_pdbx_validate_rmsd_angle.angle_target_value 
_pdbx_validate_rmsd_angle.angle_deviation 
_pdbx_validate_rmsd_angle.angle_standard_deviation 
_pdbx_validate_rmsd_angle.linker_flag 
1  1 "O4'" A DC  1  ? ? "C1'" A DC 1  ? ? N1    A DC 1  ? ? 112.17 108.30 3.87   0.30 N 
2  1 N1    A DC  1  ? ? C2    A DC 1  ? ? N3    A DC 1  ? ? 124.77 119.20 5.57   0.70 N 
3  1 N3    A DC  1  ? ? C4    A DC 1  ? ? C5    A DC 1  ? ? 118.71 121.90 -3.19  0.40 N 
4  1 N1    A DC  1  ? ? C2    A DC 1  ? ? O2    A DC 1  ? ? 114.02 118.90 -4.88  0.60 N 
5  1 "O3'" A DC  1  ? ? P     A DC 2  ? ? OP2   A DC 2  ? ? 125.92 110.50 15.42  1.10 Y 
6  1 "O5'" A DC  2  ? ? P     A DC 2  ? ? OP2   A DC 2  ? ? 97.44  105.70 -8.26  0.90 N 
7  1 "C5'" A DC  2  ? ? "C4'" A DC 2  ? ? "C3'" A DC 2  ? ? 102.25 114.10 -11.85 1.80 N 
8  1 "C1'" A DC  2  ? ? "O4'" A DC 2  ? ? "C4'" A DC 2  ? ? 102.11 110.10 -7.99  1.00 N 
9  1 "O4'" A DC  2  ? ? "C1'" A DC 2  ? ? N1    A DC 2  ? ? 115.68 108.30 7.38   0.30 N 
10 1 "O3'" A 1AP 3  ? ? P     A DG 4  ? ? OP2   A DG 4  ? ? 136.89 110.50 26.39  1.10 Y 
11 1 "O3'" A 1AP 3  ? ? P     A DG 4  ? ? OP1   A DG 4  ? ? 76.52  105.20 -28.68 2.20 Y 
12 1 "O4'" A DG  4  ? ? "C4'" A DG 4  ? ? "C3'" A DG 4  ? ? 109.70 106.00 3.70   0.60 N 
13 1 "O4'" A DG  4  ? ? "C1'" A DG 4  ? ? N9    A DG 4  ? ? 110.41 108.30 2.11   0.30 N 
14 1 N1    A DG  4  ? ? C2    A DG 4  ? ? N3    A DG 4  ? ? 119.99 123.90 -3.91  0.60 N 
15 1 C2    A DG  4  ? ? N3    A DG 4  ? ? C4    A DG 4  ? ? 115.18 111.90 3.28   0.50 N 
16 1 C4    A DG  4  ? ? C5    A DG 4  ? ? N7    A DG 4  ? ? 107.64 110.80 -3.16  0.40 N 
17 1 C5    A DG  4  ? ? N7    A DG 4  ? ? C8    A DG 4  ? ? 107.49 104.30 3.19   0.50 N 
18 1 "O3'" A DG  4  ? ? P     A DT 5  ? ? OP2   A DT 5  ? ? 118.26 110.50 7.76   1.10 Y 
19 1 "O4'" A DT  5  ? ? "C4'" A DT 5  ? ? "C3'" A DT 5  ? ? 110.85 106.00 4.85   0.60 N 
20 1 "C2'" A DT  5  ? ? "C3'" A DT 5  ? ? "O3'" A DT 5  ? ? 82.57  109.40 -26.83 2.50 N 
21 1 "O4'" A DT  5  ? ? "C1'" A DT 5  ? ? N1    A DT 5  ? ? 110.65 108.30 2.35   0.30 N 
22 1 C2    A DT  5  ? ? N3    A DT 5  ? ? C4    A DT 5  ? ? 132.01 127.20 4.81   0.60 N 
23 1 "O3'" A DT  5  ? ? P     A DA 6  ? ? OP1   A DA 6  ? ? 90.29  105.20 -14.91 2.20 Y 
24 1 "O5'" A DA  6  ? ? P     A DA 6  ? ? OP1   A DA 6  ? ? 98.26  105.70 -7.44  0.90 N 
25 1 "O5'" A DA  6  ? ? P     A DA 6  ? ? OP2   A DA 6  ? ? 122.22 110.70 11.52  1.20 N 
26 1 "C1'" A DA  6  ? ? "O4'" A DA 6  ? ? "C4'" A DA 6  ? ? 117.68 110.30 7.38   0.70 N 
27 1 C6    A DA  6  ? ? N1    A DA 6  ? ? C2    A DA 6  ? ? 113.63 118.60 -4.97  0.60 N 
28 1 N1    A DA  6  ? ? C2    A DA 6  ? ? N3    A DA 6  ? ? 133.66 129.30 4.36   0.50 N 
29 1 C2    A DA  6  ? ? N3    A DA 6  ? ? C4    A DA 6  ? ? 115.49 110.60 4.89   0.50 N 
30 1 N3    A DA  6  ? ? C4    A DA 6  ? ? C5    A DA 6  ? ? 122.31 126.80 -4.49  0.70 N 
31 1 N7    A DA  6  ? ? C8    A DA 6  ? ? N9    A DA 6  ? ? 116.89 113.80 3.09   0.50 N 
32 1 "O3'" A DA  6  ? ? P     A DC 7  ? ? OP2   A DC 7  ? ? 124.09 110.50 13.59  1.10 Y 
33 1 "O3'" A DA  6  ? ? P     A DC 7  ? ? OP1   A DC 7  ? ? 78.29  105.20 -26.91 2.20 Y 
34 1 "O5'" A DC  7  ? ? P     A DC 7  ? ? OP1   A DC 7  ? ? 129.28 110.70 18.58  1.20 N 
35 1 "O5'" A DC  7  ? ? P     A DC 7  ? ? OP2   A DC 7  ? ? 98.33  105.70 -7.37  0.90 N 
36 1 "C5'" A DC  7  ? ? "C4'" A DC 7  ? ? "O4'" A DC 7  ? ? 86.73  109.30 -22.57 1.90 N 
37 1 C2    A DC  7  ? ? N3    A DC 7  ? ? C4    A DC 7  ? ? 114.26 119.90 -5.64  0.50 N 
38 1 "C1'" A DT  8  ? ? "O4'" A DT 8  ? ? "C4'" A DT 8  ? ? 115.51 110.30 5.21   0.70 N 
39 1 "O3'" A DT  8  ? ? P     A DG 9  ? ? "O5'" A DG 9  ? ? 123.19 104.00 19.19  1.90 Y 
40 1 "O3'" A DT  8  ? ? P     A DG 9  ? ? OP2   A DG 9  ? ? 123.49 110.50 12.99  1.10 Y 
41 1 "O3'" A DT  8  ? ? P     A DG 9  ? ? OP1   A DG 9  ? ? 83.07  105.20 -22.13 2.20 Y 
42 1 "O5'" A DG  9  ? ? P     A DG 9  ? ? OP2   A DG 9  ? ? 97.11  105.70 -8.59  0.90 N 
43 1 "O4'" A DG  9  ? ? "C4'" A DG 9  ? ? "C3'" A DG 9  ? ? 100.16 104.50 -4.34  0.40 N 
44 1 "C5'" A DG  9  ? ? "C4'" A DG 9  ? ? "O4'" A DG 9  ? ? 96.91  109.30 -12.39 1.90 N 
45 1 "C3'" A DG  9  ? ? "C2'" A DG 9  ? ? "C1'" A DG 9  ? ? 94.24  102.40 -8.16  0.80 N 
46 1 "O4'" A DG  9  ? ? "C1'" A DG 9  ? ? "C2'" A DG 9  ? ? 112.31 106.80 5.51   0.50 N 
47 1 C6    A DG  9  ? ? C5    A DG 9  ? ? N7    A DG 9  ? ? 126.10 130.40 -4.30  0.60 N 
48 1 "O3'" A DG  9  ? ? P     A DG 10 ? ? "O5'" A DG 10 ? ? 117.97 104.00 13.97  1.90 Y 
49 1 "O5'" A DG  10 ? ? P     A DG 10 ? ? OP1   A DG 10 ? ? 91.56  105.70 -14.14 0.90 N 
50 1 "C5'" A DG  10 ? ? "C4'" A DG 10 ? ? "O4'" A DG 10 ? ? 121.80 109.80 12.00  1.10 N 
51 1 "C1'" A DG  10 ? ? "O4'" A DG 10 ? ? "C4'" A DG 10 ? ? 104.03 110.10 -6.07  1.00 N 
52 1 "C4'" A DG  10 ? ? "C3'" A DG 10 ? ? "O3'" A DG 10 ? ? 85.38  109.70 -24.32 2.50 N 
53 1 "O4'" A DG  10 ? ? "C1'" A DG 10 ? ? N9    A DG 10 ? ? 110.32 108.30 2.02   0.30 N 
54 1 C6    A DG  10 ? ? N1    A DG 10 ? ? C2    A DG 10 ? ? 132.11 125.10 7.01   0.60 N 
55 1 C2    A DG  10 ? ? N3    A DG 10 ? ? C4    A DG 10 ? ? 108.62 111.90 -3.28  0.50 N 
# 
loop_
_pdbx_validate_planes.id 
_pdbx_validate_planes.PDB_model_num 
_pdbx_validate_planes.auth_comp_id 
_pdbx_validate_planes.auth_asym_id 
_pdbx_validate_planes.auth_seq_id 
_pdbx_validate_planes.PDB_ins_code 
_pdbx_validate_planes.label_alt_id 
_pdbx_validate_planes.rmsd 
_pdbx_validate_planes.type 
1 1 DA A 6  ? ? 0.086 'SIDE CHAIN' 
2 1 DC A 7  ? ? 0.128 'SIDE CHAIN' 
3 1 DG A 9  ? ? 0.083 'SIDE CHAIN' 
4 1 DG A 10 ? ? 0.120 'SIDE CHAIN' 
# 
loop_
_chem_comp_atom.comp_id 
_chem_comp_atom.atom_id 
_chem_comp_atom.type_symbol 
_chem_comp_atom.pdbx_aromatic_flag 
_chem_comp_atom.pdbx_stereo_config 
_chem_comp_atom.pdbx_ordinal 
1AP N1     N  Y N 1   
1AP C2     C  Y N 2   
1AP C4     C  Y N 3   
1AP C5     C  Y N 4   
1AP C6     C  Y N 5   
1AP C8     C  Y N 6   
1AP N2     N  N N 7   
1AP N3     N  Y N 8   
1AP N9     N  Y N 9   
1AP N7     N  Y N 10  
1AP N6     N  N N 11  
1AP P      P  N N 12  
1AP OP1    O  N N 13  
1AP OP2    O  N N 14  
1AP "O5'"  O  N N 15  
1AP "C5'"  C  N N 16  
1AP "C4'"  C  N R 17  
1AP "O4'"  O  N N 18  
1AP "C1'"  C  N R 19  
1AP "C2'"  C  N N 20  
1AP "C3'"  C  N S 21  
1AP "O3'"  O  N N 22  
1AP OP3    O  N N 23  
1AP H81    H  N N 24  
1AP HN21   H  N N 25  
1AP HN22   H  N N 26  
1AP HN61   H  N N 27  
1AP HN62   H  N N 28  
1AP H1P    H  N N 29  
1AP H52    H  N N 30  
1AP H51    H  N N 31  
1AP H4     H  N N 32  
1AP H11    H  N N 33  
1AP H21    H  N N 34  
1AP H22    H  N N 35  
1AP H31    H  N N 36  
1AP HO31   H  N N 37  
1AP H3P    H  N N 38  
CA  CA     CA N N 39  
DA  OP3    O  N N 40  
DA  P      P  N N 41  
DA  OP1    O  N N 42  
DA  OP2    O  N N 43  
DA  "O5'"  O  N N 44  
DA  "C5'"  C  N N 45  
DA  "C4'"  C  N R 46  
DA  "O4'"  O  N N 47  
DA  "C3'"  C  N S 48  
DA  "O3'"  O  N N 49  
DA  "C2'"  C  N N 50  
DA  "C1'"  C  N R 51  
DA  N9     N  Y N 52  
DA  C8     C  Y N 53  
DA  N7     N  Y N 54  
DA  C5     C  Y N 55  
DA  C6     C  Y N 56  
DA  N6     N  N N 57  
DA  N1     N  Y N 58  
DA  C2     C  Y N 59  
DA  N3     N  Y N 60  
DA  C4     C  Y N 61  
DA  HOP3   H  N N 62  
DA  HOP2   H  N N 63  
DA  "H5'"  H  N N 64  
DA  "H5''" H  N N 65  
DA  "H4'"  H  N N 66  
DA  "H3'"  H  N N 67  
DA  "HO3'" H  N N 68  
DA  "H2'"  H  N N 69  
DA  "H2''" H  N N 70  
DA  "H1'"  H  N N 71  
DA  H8     H  N N 72  
DA  H61    H  N N 73  
DA  H62    H  N N 74  
DA  H2     H  N N 75  
DC  OP3    O  N N 76  
DC  P      P  N N 77  
DC  OP1    O  N N 78  
DC  OP2    O  N N 79  
DC  "O5'"  O  N N 80  
DC  "C5'"  C  N N 81  
DC  "C4'"  C  N R 82  
DC  "O4'"  O  N N 83  
DC  "C3'"  C  N S 84  
DC  "O3'"  O  N N 85  
DC  "C2'"  C  N N 86  
DC  "C1'"  C  N R 87  
DC  N1     N  N N 88  
DC  C2     C  N N 89  
DC  O2     O  N N 90  
DC  N3     N  N N 91  
DC  C4     C  N N 92  
DC  N4     N  N N 93  
DC  C5     C  N N 94  
DC  C6     C  N N 95  
DC  HOP3   H  N N 96  
DC  HOP2   H  N N 97  
DC  "H5'"  H  N N 98  
DC  "H5''" H  N N 99  
DC  "H4'"  H  N N 100 
DC  "H3'"  H  N N 101 
DC  "HO3'" H  N N 102 
DC  "H2'"  H  N N 103 
DC  "H2''" H  N N 104 
DC  "H1'"  H  N N 105 
DC  H41    H  N N 106 
DC  H42    H  N N 107 
DC  H5     H  N N 108 
DC  H6     H  N N 109 
DG  OP3    O  N N 110 
DG  P      P  N N 111 
DG  OP1    O  N N 112 
DG  OP2    O  N N 113 
DG  "O5'"  O  N N 114 
DG  "C5'"  C  N N 115 
DG  "C4'"  C  N R 116 
DG  "O4'"  O  N N 117 
DG  "C3'"  C  N S 118 
DG  "O3'"  O  N N 119 
DG  "C2'"  C  N N 120 
DG  "C1'"  C  N R 121 
DG  N9     N  Y N 122 
DG  C8     C  Y N 123 
DG  N7     N  Y N 124 
DG  C5     C  Y N 125 
DG  C6     C  N N 126 
DG  O6     O  N N 127 
DG  N1     N  N N 128 
DG  C2     C  N N 129 
DG  N2     N  N N 130 
DG  N3     N  N N 131 
DG  C4     C  Y N 132 
DG  HOP3   H  N N 133 
DG  HOP2   H  N N 134 
DG  "H5'"  H  N N 135 
DG  "H5''" H  N N 136 
DG  "H4'"  H  N N 137 
DG  "H3'"  H  N N 138 
DG  "HO3'" H  N N 139 
DG  "H2'"  H  N N 140 
DG  "H2''" H  N N 141 
DG  "H1'"  H  N N 142 
DG  H8     H  N N 143 
DG  H1     H  N N 144 
DG  H21    H  N N 145 
DG  H22    H  N N 146 
DT  OP3    O  N N 147 
DT  P      P  N N 148 
DT  OP1    O  N N 149 
DT  OP2    O  N N 150 
DT  "O5'"  O  N N 151 
DT  "C5'"  C  N N 152 
DT  "C4'"  C  N R 153 
DT  "O4'"  O  N N 154 
DT  "C3'"  C  N S 155 
DT  "O3'"  O  N N 156 
DT  "C2'"  C  N N 157 
DT  "C1'"  C  N R 158 
DT  N1     N  N N 159 
DT  C2     C  N N 160 
DT  O2     O  N N 161 
DT  N3     N  N N 162 
DT  C4     C  N N 163 
DT  O4     O  N N 164 
DT  C5     C  N N 165 
DT  C7     C  N N 166 
DT  C6     C  N N 167 
DT  HOP3   H  N N 168 
DT  HOP2   H  N N 169 
DT  "H5'"  H  N N 170 
DT  "H5''" H  N N 171 
DT  "H4'"  H  N N 172 
DT  "H3'"  H  N N 173 
DT  "HO3'" H  N N 174 
DT  "H2'"  H  N N 175 
DT  "H2''" H  N N 176 
DT  "H1'"  H  N N 177 
DT  H3     H  N N 178 
DT  H71    H  N N 179 
DT  H72    H  N N 180 
DT  H73    H  N N 181 
DT  H6     H  N N 182 
HOH O      O  N N 183 
HOH H1     H  N N 184 
HOH H2     H  N N 185 
NA  NA     NA N N 186 
# 
loop_
_chem_comp_bond.comp_id 
_chem_comp_bond.atom_id_1 
_chem_comp_bond.atom_id_2 
_chem_comp_bond.value_order 
_chem_comp_bond.pdbx_aromatic_flag 
_chem_comp_bond.pdbx_stereo_config 
_chem_comp_bond.pdbx_ordinal 
1AP N1    C2     sing Y N 1   
1AP N1    C6     doub Y N 2   
1AP C2    N2     sing N N 3   
1AP C2    N3     doub Y N 4   
1AP C4    C5     doub Y N 5   
1AP C4    N3     sing Y N 6   
1AP C4    N9     sing Y N 7   
1AP C5    C6     sing Y N 8   
1AP C5    N7     sing Y N 9   
1AP C6    N6     sing N N 10  
1AP C8    N9     sing Y N 11  
1AP C8    N7     doub Y N 12  
1AP C8    H81    sing N N 13  
1AP N2    HN21   sing N N 14  
1AP N2    HN22   sing N N 15  
1AP N9    "C1'"  sing N N 16  
1AP N6    HN61   sing N N 17  
1AP N6    HN62   sing N N 18  
1AP P     OP1    sing N N 19  
1AP P     OP2    doub N N 20  
1AP P     "O5'"  sing N N 21  
1AP P     OP3    sing N N 22  
1AP OP1   H1P    sing N N 23  
1AP "O5'" "C5'"  sing N N 24  
1AP "C5'" "C4'"  sing N N 25  
1AP "C5'" H52    sing N N 26  
1AP "C5'" H51    sing N N 27  
1AP "C4'" "O4'"  sing N N 28  
1AP "C4'" "C3'"  sing N N 29  
1AP "C4'" H4     sing N N 30  
1AP "O4'" "C1'"  sing N N 31  
1AP "C1'" "C2'"  sing N N 32  
1AP "C1'" H11    sing N N 33  
1AP "C2'" "C3'"  sing N N 34  
1AP "C2'" H21    sing N N 35  
1AP "C2'" H22    sing N N 36  
1AP "C3'" "O3'"  sing N N 37  
1AP "C3'" H31    sing N N 38  
1AP "O3'" HO31   sing N N 39  
1AP OP3   H3P    sing N N 40  
DA  OP3   P      sing N N 41  
DA  OP3   HOP3   sing N N 42  
DA  P     OP1    doub N N 43  
DA  P     OP2    sing N N 44  
DA  P     "O5'"  sing N N 45  
DA  OP2   HOP2   sing N N 46  
DA  "O5'" "C5'"  sing N N 47  
DA  "C5'" "C4'"  sing N N 48  
DA  "C5'" "H5'"  sing N N 49  
DA  "C5'" "H5''" sing N N 50  
DA  "C4'" "O4'"  sing N N 51  
DA  "C4'" "C3'"  sing N N 52  
DA  "C4'" "H4'"  sing N N 53  
DA  "O4'" "C1'"  sing N N 54  
DA  "C3'" "O3'"  sing N N 55  
DA  "C3'" "C2'"  sing N N 56  
DA  "C3'" "H3'"  sing N N 57  
DA  "O3'" "HO3'" sing N N 58  
DA  "C2'" "C1'"  sing N N 59  
DA  "C2'" "H2'"  sing N N 60  
DA  "C2'" "H2''" sing N N 61  
DA  "C1'" N9     sing N N 62  
DA  "C1'" "H1'"  sing N N 63  
DA  N9    C8     sing Y N 64  
DA  N9    C4     sing Y N 65  
DA  C8    N7     doub Y N 66  
DA  C8    H8     sing N N 67  
DA  N7    C5     sing Y N 68  
DA  C5    C6     sing Y N 69  
DA  C5    C4     doub Y N 70  
DA  C6    N6     sing N N 71  
DA  C6    N1     doub Y N 72  
DA  N6    H61    sing N N 73  
DA  N6    H62    sing N N 74  
DA  N1    C2     sing Y N 75  
DA  C2    N3     doub Y N 76  
DA  C2    H2     sing N N 77  
DA  N3    C4     sing Y N 78  
DC  OP3   P      sing N N 79  
DC  OP3   HOP3   sing N N 80  
DC  P     OP1    doub N N 81  
DC  P     OP2    sing N N 82  
DC  P     "O5'"  sing N N 83  
DC  OP2   HOP2   sing N N 84  
DC  "O5'" "C5'"  sing N N 85  
DC  "C5'" "C4'"  sing N N 86  
DC  "C5'" "H5'"  sing N N 87  
DC  "C5'" "H5''" sing N N 88  
DC  "C4'" "O4'"  sing N N 89  
DC  "C4'" "C3'"  sing N N 90  
DC  "C4'" "H4'"  sing N N 91  
DC  "O4'" "C1'"  sing N N 92  
DC  "C3'" "O3'"  sing N N 93  
DC  "C3'" "C2'"  sing N N 94  
DC  "C3'" "H3'"  sing N N 95  
DC  "O3'" "HO3'" sing N N 96  
DC  "C2'" "C1'"  sing N N 97  
DC  "C2'" "H2'"  sing N N 98  
DC  "C2'" "H2''" sing N N 99  
DC  "C1'" N1     sing N N 100 
DC  "C1'" "H1'"  sing N N 101 
DC  N1    C2     sing N N 102 
DC  N1    C6     sing N N 103 
DC  C2    O2     doub N N 104 
DC  C2    N3     sing N N 105 
DC  N3    C4     doub N N 106 
DC  C4    N4     sing N N 107 
DC  C4    C5     sing N N 108 
DC  N4    H41    sing N N 109 
DC  N4    H42    sing N N 110 
DC  C5    C6     doub N N 111 
DC  C5    H5     sing N N 112 
DC  C6    H6     sing N N 113 
DG  OP3   P      sing N N 114 
DG  OP3   HOP3   sing N N 115 
DG  P     OP1    doub N N 116 
DG  P     OP2    sing N N 117 
DG  P     "O5'"  sing N N 118 
DG  OP2   HOP2   sing N N 119 
DG  "O5'" "C5'"  sing N N 120 
DG  "C5'" "C4'"  sing N N 121 
DG  "C5'" "H5'"  sing N N 122 
DG  "C5'" "H5''" sing N N 123 
DG  "C4'" "O4'"  sing N N 124 
DG  "C4'" "C3'"  sing N N 125 
DG  "C4'" "H4'"  sing N N 126 
DG  "O4'" "C1'"  sing N N 127 
DG  "C3'" "O3'"  sing N N 128 
DG  "C3'" "C2'"  sing N N 129 
DG  "C3'" "H3'"  sing N N 130 
DG  "O3'" "HO3'" sing N N 131 
DG  "C2'" "C1'"  sing N N 132 
DG  "C2'" "H2'"  sing N N 133 
DG  "C2'" "H2''" sing N N 134 
DG  "C1'" N9     sing N N 135 
DG  "C1'" "H1'"  sing N N 136 
DG  N9    C8     sing Y N 137 
DG  N9    C4     sing Y N 138 
DG  C8    N7     doub Y N 139 
DG  C8    H8     sing N N 140 
DG  N7    C5     sing Y N 141 
DG  C5    C6     sing N N 142 
DG  C5    C4     doub Y N 143 
DG  C6    O6     doub N N 144 
DG  C6    N1     sing N N 145 
DG  N1    C2     sing N N 146 
DG  N1    H1     sing N N 147 
DG  C2    N2     sing N N 148 
DG  C2    N3     doub N N 149 
DG  N2    H21    sing N N 150 
DG  N2    H22    sing N N 151 
DG  N3    C4     sing N N 152 
DT  OP3   P      sing N N 153 
DT  OP3   HOP3   sing N N 154 
DT  P     OP1    doub N N 155 
DT  P     OP2    sing N N 156 
DT  P     "O5'"  sing N N 157 
DT  OP2   HOP2   sing N N 158 
DT  "O5'" "C5'"  sing N N 159 
DT  "C5'" "C4'"  sing N N 160 
DT  "C5'" "H5'"  sing N N 161 
DT  "C5'" "H5''" sing N N 162 
DT  "C4'" "O4'"  sing N N 163 
DT  "C4'" "C3'"  sing N N 164 
DT  "C4'" "H4'"  sing N N 165 
DT  "O4'" "C1'"  sing N N 166 
DT  "C3'" "O3'"  sing N N 167 
DT  "C3'" "C2'"  sing N N 168 
DT  "C3'" "H3'"  sing N N 169 
DT  "O3'" "HO3'" sing N N 170 
DT  "C2'" "C1'"  sing N N 171 
DT  "C2'" "H2'"  sing N N 172 
DT  "C2'" "H2''" sing N N 173 
DT  "C1'" N1     sing N N 174 
DT  "C1'" "H1'"  sing N N 175 
DT  N1    C2     sing N N 176 
DT  N1    C6     sing N N 177 
DT  C2    O2     doub N N 178 
DT  C2    N3     sing N N 179 
DT  N3    C4     sing N N 180 
DT  N3    H3     sing N N 181 
DT  C4    O4     doub N N 182 
DT  C4    C5     sing N N 183 
DT  C5    C7     sing N N 184 
DT  C5    C6     doub N N 185 
DT  C7    H71    sing N N 186 
DT  C7    H72    sing N N 187 
DT  C7    H73    sing N N 188 
DT  C6    H6     sing N N 189 
HOH O     H1     sing N N 190 
HOH O     H2     sing N N 191 
# 
loop_
_ndb_struct_conf_na.entry_id 
_ndb_struct_conf_na.feature 
1S1K 'double helix'         
1S1K 'b-form double helix'  
1S1K 'mismatched base pair' 
# 
loop_
_ndb_struct_na_base_pair.model_number 
_ndb_struct_na_base_pair.i_label_asym_id 
_ndb_struct_na_base_pair.i_label_comp_id 
_ndb_struct_na_base_pair.i_label_seq_id 
_ndb_struct_na_base_pair.i_symmetry 
_ndb_struct_na_base_pair.j_label_asym_id 
_ndb_struct_na_base_pair.j_label_comp_id 
_ndb_struct_na_base_pair.j_label_seq_id 
_ndb_struct_na_base_pair.j_symmetry 
_ndb_struct_na_base_pair.shear 
_ndb_struct_na_base_pair.stretch 
_ndb_struct_na_base_pair.stagger 
_ndb_struct_na_base_pair.buckle 
_ndb_struct_na_base_pair.propeller 
_ndb_struct_na_base_pair.opening 
_ndb_struct_na_base_pair.pair_number 
_ndb_struct_na_base_pair.pair_name 
_ndb_struct_na_base_pair.i_auth_asym_id 
_ndb_struct_na_base_pair.i_auth_seq_id 
_ndb_struct_na_base_pair.i_PDB_ins_code 
_ndb_struct_na_base_pair.j_auth_asym_id 
_ndb_struct_na_base_pair.j_auth_seq_id 
_ndb_struct_na_base_pair.j_PDB_ins_code 
_ndb_struct_na_base_pair.hbond_type_28 
_ndb_struct_na_base_pair.hbond_type_12 
1 A DC  1  1_555 A DG  10 12_545 0.772  -0.507 -0.044 0.319  -0.481  -3.917 1  A_DC1:DG10_A A 1  ? A 10 ? 19 1 
1 A DC  2  1_555 A DG  9  12_545 0.286  -0.077 0.246  -3.987 -8.813  -5.656 2  A_DC2:DG9_A  A 2  ? A 9  ? 19 1 
1 A 1AP 3  1_555 A DT  8  12_545 0.131  0.006  -0.239 -4.157 -5.707  -2.518 3  A_1AP3:DT8_A A 3  ? A 8  ? ?  ? 
1 A DG  4  1_555 A DC  7  12_545 -0.331 -0.017 0.212  -1.850 -11.463 -3.866 4  A_DG4:DC7_A  A 4  ? A 7  ? 19 1 
1 A DT  5  1_555 A DA  6  12_545 -0.171 -0.178 0.330  -1.504 -11.056 -2.231 5  A_DT5:DA6_A  A 5  ? A 6  ? 20 1 
1 A DA  6  1_555 A DT  5  12_545 0.171  -0.178 0.330  1.504  -11.056 -2.231 6  A_DA6:DT5_A  A 6  ? A 5  ? 20 1 
1 A DC  7  1_555 A DG  4  12_545 0.331  -0.017 0.212  1.850  -11.463 -3.866 7  A_DC7:DG4_A  A 7  ? A 4  ? 19 1 
1 A DT  8  1_555 A 1AP 3  12_545 -0.131 0.006  -0.239 4.157  -5.707  -2.518 8  A_DT8:1AP3_A A 8  ? A 3  ? ?  ? 
1 A DG  9  1_555 A DC  2  12_545 -0.286 -0.077 0.246  3.987  -8.813  -5.656 9  A_DG9:DC2_A  A 9  ? A 2  ? 19 1 
1 A DG  10 1_555 A DC  1  12_545 -0.772 -0.507 -0.044 -0.319 -0.481  -3.917 10 A_DG10:DC1_A A 10 ? A 1  ? 19 1 
# 
loop_
_ndb_struct_na_base_pair_step.model_number 
_ndb_struct_na_base_pair_step.i_label_asym_id_1 
_ndb_struct_na_base_pair_step.i_label_comp_id_1 
_ndb_struct_na_base_pair_step.i_label_seq_id_1 
_ndb_struct_na_base_pair_step.i_symmetry_1 
_ndb_struct_na_base_pair_step.j_label_asym_id_1 
_ndb_struct_na_base_pair_step.j_label_comp_id_1 
_ndb_struct_na_base_pair_step.j_label_seq_id_1 
_ndb_struct_na_base_pair_step.j_symmetry_1 
_ndb_struct_na_base_pair_step.i_label_asym_id_2 
_ndb_struct_na_base_pair_step.i_label_comp_id_2 
_ndb_struct_na_base_pair_step.i_label_seq_id_2 
_ndb_struct_na_base_pair_step.i_symmetry_2 
_ndb_struct_na_base_pair_step.j_label_asym_id_2 
_ndb_struct_na_base_pair_step.j_label_comp_id_2 
_ndb_struct_na_base_pair_step.j_label_seq_id_2 
_ndb_struct_na_base_pair_step.j_symmetry_2 
_ndb_struct_na_base_pair_step.shift 
_ndb_struct_na_base_pair_step.slide 
_ndb_struct_na_base_pair_step.rise 
_ndb_struct_na_base_pair_step.tilt 
_ndb_struct_na_base_pair_step.roll 
_ndb_struct_na_base_pair_step.twist 
_ndb_struct_na_base_pair_step.x_displacement 
_ndb_struct_na_base_pair_step.y_displacement 
_ndb_struct_na_base_pair_step.helical_rise 
_ndb_struct_na_base_pair_step.inclination 
_ndb_struct_na_base_pair_step.tip 
_ndb_struct_na_base_pair_step.helical_twist 
_ndb_struct_na_base_pair_step.step_number 
_ndb_struct_na_base_pair_step.step_name 
_ndb_struct_na_base_pair_step.i_auth_asym_id_1 
_ndb_struct_na_base_pair_step.i_auth_seq_id_1 
_ndb_struct_na_base_pair_step.i_PDB_ins_code_1 
_ndb_struct_na_base_pair_step.j_auth_asym_id_1 
_ndb_struct_na_base_pair_step.j_auth_seq_id_1 
_ndb_struct_na_base_pair_step.j_PDB_ins_code_1 
_ndb_struct_na_base_pair_step.i_auth_asym_id_2 
_ndb_struct_na_base_pair_step.i_auth_seq_id_2 
_ndb_struct_na_base_pair_step.i_PDB_ins_code_2 
_ndb_struct_na_base_pair_step.j_auth_asym_id_2 
_ndb_struct_na_base_pair_step.j_auth_seq_id_2 
_ndb_struct_na_base_pair_step.j_PDB_ins_code_2 
1 A DC  1 1_555 A DG  10 12_545 A DC  2  1_555 A DG  9 12_545 -0.392 0.060  3.403 1.394  7.566 33.233 -1.148 0.900  3.317 13.012 
-2.398 34.087 1 AA_DC1DC2:DG9DG10_AA A 1 ? A 10 ? A 2  ? A 9 ? 
1 A DC  2 1_555 A DG  9  12_545 A 1AP 3  1_555 A DT  8 12_545 0.231  0.780  3.398 4.349  8.156 39.026 0.143  0.193  3.491 12.005 
-6.402 40.064 2 AA_DC21AP3:DT8DG9_AA A 2 ? A 9  ? A 3  ? A 8 ? 
1 A 1AP 3 1_555 A DT  8  12_545 A DG  4  1_555 A DC  7 12_545 0.533  -0.116 3.243 -4.180 2.881 31.633 -0.719 -1.705 3.126 5.242  
7.607  32.028 3 AA_1AP3DG4:DC7DT8_AA A 3 ? A 8  ? A 4  ? A 7 ? 
1 A DG  4 1_555 A DC  7  12_545 A DT  5  1_555 A DA  6 12_545 -0.021 -0.755 3.351 -2.195 3.072 29.059 -2.164 -0.439 3.248 6.090  
4.350  29.298 4 AA_DG4DT5:DA6DC7_AA  A 4 ? A 7  ? A 5  ? A 6 ? 
1 A DT  5 1_555 A DA  6  12_545 A DA  6  1_555 A DT  5 12_545 0.000  0.368  3.246 0.000  2.834 45.629 0.228  0.000  3.262 3.650  
0.000  45.713 5 AA_DT5DA6:DT5DA6_AA  A 5 ? A 6  ? A 6  ? A 5 ? 
1 A DA  6 1_555 A DT  5  12_545 A DC  7  1_555 A DG  4 12_545 0.021  -0.755 3.351 2.195  3.072 29.059 -2.164 0.439  3.248 6.090  
-4.350 29.298 6 AA_DA6DC7:DG4DT5_AA  A 6 ? A 5  ? A 7  ? A 4 ? 
1 A DC  7 1_555 A DG  4  12_545 A DT  8  1_555 A 1AP 3 12_545 -0.533 -0.116 3.243 4.180  2.881 31.633 -0.719 1.705  3.126 5.242  
-7.607 32.028 7 AA_DC7DT8:1AP3DG4_AA A 7 ? A 4  ? A 8  ? A 3 ? 
1 A DT  8 1_555 A 1AP 3  12_545 A DG  9  1_555 A DC  2 12_545 -0.231 0.780  3.398 -4.349 8.156 39.026 0.143  -0.193 3.491 12.005 
6.402  40.064 8 AA_DT8DG9:DC21AP3_AA A 8 ? A 3  ? A 9  ? A 2 ? 
1 A DG  9 1_555 A DC  2  12_545 A DG  10 1_555 A DC  1 12_545 0.392  0.060  3.403 -1.394 7.566 33.233 -1.148 -0.900 3.317 13.012 
2.398  34.087 9 AA_DG9DG10:DC1DC2_AA A 9 ? A 2  ? A 10 ? A 1 ? 
# 
loop_
_pdbx_entity_nonpoly.entity_id 
_pdbx_entity_nonpoly.name 
_pdbx_entity_nonpoly.comp_id 
2 'CALCIUM ION' CA  
3 'SODIUM ION'  NA  
4 water         HOH 
# 
_pdbx_initial_refinement_model.id               1 
_pdbx_initial_refinement_model.entity_id_list   ? 
_pdbx_initial_refinement_model.type             'experimental model' 
_pdbx_initial_refinement_model.source_name      PDB 
_pdbx_initial_refinement_model.accession_code   1P4Z 
_pdbx_initial_refinement_model.details          ? 
# 
